data_5LRG
#
_entry.id   5LRG
#
_cell.length_a   124.780
_cell.length_b   124.780
_cell.length_c   48.900
_cell.angle_alpha   90.00
_cell.angle_beta   90.00
_cell.angle_gamma   120.00
#
_symmetry.space_group_name_H-M   'P 32'
#
loop_
_entity.id
_entity.type
_entity.pdbx_description
1 polymer 'Carboxypeptidase B'
2 polymer 'Anabaenopeptin B'
3 non-polymer 'ZINC ION'
4 water water
#
loop_
_entity_poly.entity_id
_entity_poly.type
_entity_poly.pdbx_seq_one_letter_code
_entity_poly.pdbx_strand_id
1 'polypeptide(L)'
;TTGHSYEKYNNWETIEAWTKQVTSENPDLISRTAIGTTFLGNNIYLLKVGKPGPNKPAIFMDCGFHAREWISHAFCQWFV
REAVLTYGYESHMTEFLNKLDFYVLPVLNIDGYIYTWTKNRMWRKTRSTNAGTTCIGTDPNRNFDAGWCTTGASTDPCDE
TYCGSAAESEKETKALADFIRNNLSSIKAYLTIHSYSQMILYPYSYDYKLPENNAELNNLAKAAVKELATLYGTKYTYGP
GATTIYPAAGGSDDWAYDQGIKYSFTFELRDKGRYGFILPESQIQATCEETMLAIKYVTNYVLGHL
;
A,B,C
2 'polypeptide(L)' (73N)(DLY)V(73O)(MAA)F F,G,H
#
# COMPACT_ATOMS: atom_id res chain seq x y z
N GLY A 3 28.01 34.65 9.82
CA GLY A 3 27.34 34.27 11.10
C GLY A 3 26.29 33.20 10.91
N HIS A 4 25.69 32.74 12.01
CA HIS A 4 24.69 31.68 11.97
C HIS A 4 23.38 32.14 11.39
N SER A 5 22.80 31.33 10.52
CA SER A 5 21.45 31.59 10.02
C SER A 5 20.64 30.32 10.02
N TYR A 6 19.38 30.42 10.43
CA TYR A 6 18.47 29.29 10.39
C TYR A 6 17.95 29.08 8.98
N GLU A 7 18.26 30.02 8.10
CA GLU A 7 17.70 30.05 6.75
C GLU A 7 18.78 29.66 5.71
N LYS A 8 19.97 29.34 6.20
CA LYS A 8 21.07 28.90 5.36
C LYS A 8 21.74 27.70 5.97
N TYR A 9 22.56 27.00 5.18
CA TYR A 9 23.29 25.85 5.71
C TYR A 9 24.57 26.34 6.36
N ASN A 10 24.82 25.88 7.58
CA ASN A 10 25.96 26.37 8.37
C ASN A 10 27.07 25.32 8.48
N ASN A 11 28.33 25.75 8.38
CA ASN A 11 29.45 24.84 8.54
C ASN A 11 29.59 24.45 9.98
N TRP A 12 30.45 23.48 10.27
CA TRP A 12 30.55 22.96 11.63
C TRP A 12 31.03 23.99 12.63
N GLU A 13 31.98 24.84 12.23
CA GLU A 13 32.46 25.88 13.14
C GLU A 13 31.29 26.71 13.62
N THR A 14 30.39 27.04 12.70
CA THR A 14 29.26 27.90 13.02
C THR A 14 28.23 27.17 13.89
N ILE A 15 27.98 25.90 13.59
CA ILE A 15 27.03 25.12 14.38
C ILE A 15 27.53 24.93 15.80
N GLU A 16 28.82 24.65 15.94
CA GLU A 16 29.40 24.46 17.27
C GLU A 16 29.29 25.73 18.11
N ALA A 17 29.60 26.87 17.50
CA ALA A 17 29.45 28.15 18.18
C ALA A 17 28.01 28.37 18.54
N TRP A 18 27.12 27.98 17.64
CA TRP A 18 25.69 28.13 17.87
C TRP A 18 25.21 27.33 19.08
N THR A 19 25.69 26.09 19.24
CA THR A 19 25.23 25.25 20.35
C THR A 19 25.54 25.90 21.67
N LYS A 20 26.70 26.56 21.75
CA LYS A 20 27.05 27.29 22.96
C LYS A 20 26.21 28.56 23.10
N GLN A 21 26.00 29.26 22.00
CA GLN A 21 25.31 30.54 22.05
C GLN A 21 23.84 30.40 22.42
N VAL A 22 23.10 29.54 21.70
CA VAL A 22 21.68 29.38 21.95
C VAL A 22 21.44 28.86 23.34
N THR A 23 22.36 28.03 23.84
CA THR A 23 22.26 27.55 25.21
C THR A 23 22.46 28.73 26.18
N SER A 24 23.46 29.55 25.89
CA SER A 24 23.79 30.71 26.72
C SER A 24 22.60 31.69 26.77
N GLU A 25 21.92 31.87 25.64
CA GLU A 25 20.82 32.82 25.57
C GLU A 25 19.55 32.30 26.22
N ASN A 26 19.40 30.98 26.25
CA ASN A 26 18.20 30.36 26.83
C ASN A 26 18.54 29.28 27.87
N PRO A 27 19.25 29.65 28.95
CA PRO A 27 19.66 28.69 29.99
C PRO A 27 18.46 28.12 30.71
N ASP A 28 17.32 28.79 30.59
CA ASP A 28 16.09 28.36 31.24
C ASP A 28 15.43 27.17 30.50
N LEU A 29 15.83 26.98 29.24
CA LEU A 29 15.16 26.01 28.37
C LEU A 29 16.13 25.03 27.72
N ILE A 30 17.43 25.28 27.90
CA ILE A 30 18.45 24.47 27.23
C ILE A 30 19.67 24.25 28.12
N SER A 31 20.17 23.02 28.13
CA SER A 31 21.50 22.76 28.64
C SER A 31 22.27 21.93 27.62
N ARG A 32 23.59 22.04 27.62
CA ARG A 32 24.42 21.36 26.62
C ARG A 32 25.44 20.43 27.24
N THR A 33 25.61 19.26 26.61
CA THR A 33 26.71 18.36 26.95
C THR A 33 27.28 17.79 25.68
N ALA A 34 28.31 16.98 25.82
CA ALA A 34 28.75 16.10 24.72
C ALA A 34 28.55 14.66 25.15
N ILE A 35 28.13 13.81 24.23
CA ILE A 35 27.96 12.41 24.54
C ILE A 35 29.18 11.60 24.11
N GLY A 36 30.08 12.25 23.40
CA GLY A 36 31.32 11.60 23.01
C GLY A 36 32.10 12.44 22.01
N THR A 37 33.21 11.89 21.52
CA THR A 37 34.02 12.57 20.52
C THR A 37 34.08 11.73 19.25
N THR A 38 34.40 12.38 18.13
CA THR A 38 34.43 11.71 16.83
C THR A 38 35.82 11.12 16.58
N PHE A 39 35.95 10.35 15.50
CA PHE A 39 37.25 9.80 15.14
C PHE A 39 38.29 10.88 15.10
N LEU A 40 37.93 12.05 14.61
CA LEU A 40 38.87 13.16 14.48
C LEU A 40 38.84 14.13 15.66
N GLY A 41 38.17 13.73 16.75
CA GLY A 41 38.26 14.47 18.00
C GLY A 41 37.31 15.65 18.13
N ASN A 42 36.30 15.72 17.27
CA ASN A 42 35.29 16.75 17.41
C ASN A 42 34.25 16.33 18.47
N ASN A 43 33.61 17.32 19.12
CA ASN A 43 32.72 17.04 20.24
C ASN A 43 31.30 16.82 19.79
N ILE A 44 30.75 15.66 20.10
CA ILE A 44 29.38 15.33 19.71
C ILE A 44 28.39 15.92 20.70
N TYR A 45 27.95 17.15 20.42
CA TYR A 45 27.09 17.89 21.33
C TYR A 45 25.67 17.37 21.37
N LEU A 46 25.08 17.41 22.55
CA LEU A 46 23.68 17.07 22.75
C LEU A 46 23.02 18.21 23.50
N LEU A 47 21.92 18.73 22.96
CA LEU A 47 21.19 19.80 23.63
C LEU A 47 19.98 19.27 24.27
N LYS A 48 19.85 19.51 25.57
CA LYS A 48 18.68 19.08 26.31
C LYS A 48 17.66 20.21 26.39
N VAL A 49 16.59 20.10 25.60
CA VAL A 49 15.61 21.18 25.50
C VAL A 49 14.37 20.91 26.33
N GLY A 50 14.08 21.82 27.25
CA GLY A 50 12.91 21.67 28.10
C GLY A 50 13.00 22.50 29.36
N LYS A 51 11.87 22.69 30.02
CA LYS A 51 11.85 23.33 31.32
C LYS A 51 12.25 22.31 32.35
N PRO A 52 13.40 22.51 33.01
CA PRO A 52 14.02 21.52 33.89
C PRO A 52 13.11 21.06 35.04
N GLY A 53 13.23 19.79 35.39
CA GLY A 53 12.39 19.23 36.44
C GLY A 53 12.71 17.77 36.72
N PRO A 54 12.31 17.25 37.88
CA PRO A 54 12.58 15.87 38.29
C PRO A 54 11.85 14.81 37.46
N ASN A 55 12.59 13.78 37.07
CA ASN A 55 12.01 12.57 36.50
C ASN A 55 11.03 12.85 35.40
N LYS A 56 11.47 13.58 34.39
CA LYS A 56 10.65 13.82 33.21
C LYS A 56 10.97 12.80 32.14
N PRO A 57 9.95 12.38 31.37
CA PRO A 57 10.19 11.54 30.19
C PRO A 57 10.91 12.35 29.12
N ALA A 58 11.43 11.67 28.09
CA ALA A 58 12.17 12.37 27.06
C ALA A 58 11.92 11.81 25.70
N ILE A 59 12.18 12.62 24.69
CA ILE A 59 12.18 12.17 23.32
C ILE A 59 13.51 12.50 22.72
N PHE A 60 14.10 11.54 22.01
CA PHE A 60 15.44 11.71 21.47
C PHE A 60 15.39 11.92 19.99
N MET A 61 16.07 12.97 19.51
CA MET A 61 16.13 13.25 18.09
C MET A 61 17.54 13.59 17.70
N ASP A 62 18.04 12.93 16.66
CA ASP A 62 19.31 13.32 16.09
C ASP A 62 19.20 13.72 14.68
N CYS A 63 20.16 14.51 14.22
CA CYS A 63 20.29 14.85 12.81
C CYS A 63 21.73 14.55 12.36
N GLY A 64 21.94 14.57 11.04
CA GLY A 64 23.29 14.49 10.50
C GLY A 64 24.02 13.16 10.64
N PHE A 65 23.29 12.06 10.59
CA PHE A 65 23.91 10.74 10.50
C PHE A 65 24.75 10.71 9.19
N HIS A 66 24.14 11.18 8.11
CA HIS A 66 24.77 11.12 6.81
C HIS A 66 25.20 12.50 6.36
N ALA A 67 26.47 12.63 6.01
CA ALA A 67 27.11 13.92 5.88
C ALA A 67 26.47 14.85 4.83
N ARG A 68 26.07 14.28 3.70
CA ARG A 68 25.61 15.08 2.56
C ARG A 68 24.18 15.55 2.69
N GLU A 69 23.46 15.02 3.67
CA GLU A 69 22.04 15.34 3.81
C GLU A 69 21.84 16.61 4.64
N TRP A 70 22.27 17.73 4.06
CA TRP A 70 22.41 18.98 4.80
C TRP A 70 21.11 19.53 5.42
N ILE A 71 19.97 19.21 4.81
CA ILE A 71 18.70 19.73 5.31
C ILE A 71 18.37 19.11 6.66
N SER A 72 18.96 17.95 6.93
CA SER A 72 18.78 17.28 8.22
C SER A 72 19.38 18.11 9.34
N HIS A 73 20.65 18.48 9.19
CA HIS A 73 21.32 19.30 10.18
C HIS A 73 20.52 20.56 10.36
N ALA A 74 20.09 21.15 9.23
CA ALA A 74 19.31 22.37 9.26
C ALA A 74 18.09 22.24 10.16
N PHE A 75 17.41 21.11 10.09
CA PHE A 75 16.19 20.95 10.86
C PHE A 75 16.38 20.92 12.36
N CYS A 76 17.43 20.26 12.84
CA CYS A 76 17.65 20.20 14.29
C CYS A 76 17.85 21.58 14.86
N GLN A 77 18.55 22.44 14.10
CA GLN A 77 18.75 23.82 14.53
C GLN A 77 17.43 24.57 14.53
N TRP A 78 16.65 24.37 13.47
CA TRP A 78 15.34 24.99 13.36
C TRP A 78 14.46 24.62 14.51
N PHE A 79 14.47 23.33 14.85
CA PHE A 79 13.64 22.82 15.93
C PHE A 79 13.96 23.49 17.24
N VAL A 80 15.25 23.63 17.54
CA VAL A 80 15.66 24.23 18.79
C VAL A 80 15.19 25.68 18.91
N ARG A 81 15.37 26.45 17.83
CA ARG A 81 14.91 27.83 17.84
C ARG A 81 13.39 27.92 18.03
N GLU A 82 12.64 27.11 17.29
CA GLU A 82 11.19 27.13 17.36
C GLU A 82 10.71 26.85 18.76
N ALA A 83 11.39 25.92 19.43
CA ALA A 83 11.04 25.55 20.80
C ALA A 83 11.21 26.76 21.73
N VAL A 84 12.32 27.46 21.61
CA VAL A 84 12.59 28.57 22.52
C VAL A 84 11.79 29.81 22.18
N LEU A 85 11.44 29.98 20.90
CA LEU A 85 10.63 31.12 20.46
C LEU A 85 9.21 31.01 20.90
N THR A 86 8.63 29.82 20.75
CA THR A 86 7.20 29.64 20.94
C THR A 86 6.83 29.16 22.34
N TYR A 87 7.83 28.87 23.16
CA TYR A 87 7.55 28.48 24.54
C TYR A 87 6.97 29.63 25.28
N GLY A 88 5.82 29.40 25.92
CA GLY A 88 5.13 30.47 26.62
C GLY A 88 4.20 31.25 25.70
N TYR A 89 4.28 30.98 24.40
CA TYR A 89 3.48 31.69 23.41
C TYR A 89 2.54 30.77 22.65
N GLU A 90 2.97 29.53 22.45
CA GLU A 90 2.15 28.53 21.76
C GLU A 90 1.89 27.38 22.74
N SER A 91 0.63 27.08 22.99
CA SER A 91 0.25 26.26 24.15
C SER A 91 0.74 24.83 24.09
N HIS A 92 0.82 24.27 22.89
CA HIS A 92 1.27 22.89 22.75
C HIS A 92 2.77 22.72 23.02
N MET A 93 3.60 23.54 22.36
CA MET A 93 5.03 23.51 22.62
C MET A 93 5.30 23.79 24.09
N THR A 94 4.54 24.70 24.67
CA THR A 94 4.71 25.06 26.07
C THR A 94 4.41 23.86 26.99
N GLU A 95 3.37 23.11 26.65
CA GLU A 95 3.04 21.89 27.36
C GLU A 95 4.13 20.84 27.18
N PHE A 96 4.64 20.74 25.96
CA PHE A 96 5.69 19.75 25.66
C PHE A 96 6.93 19.96 26.53
N LEU A 97 7.41 21.20 26.57
CA LEU A 97 8.66 21.50 27.26
C LEU A 97 8.50 21.48 28.75
N ASN A 98 7.26 21.64 29.21
CA ASN A 98 6.97 21.57 30.63
C ASN A 98 6.90 20.13 31.11
N LYS A 99 6.37 19.23 30.28
CA LYS A 99 6.16 17.85 30.69
C LYS A 99 7.26 16.88 30.28
N LEU A 100 7.96 17.17 29.20
CA LEU A 100 9.08 16.32 28.79
C LEU A 100 10.25 17.10 28.30
N ASP A 101 11.38 16.41 28.14
CA ASP A 101 12.56 17.00 27.55
C ASP A 101 12.77 16.46 26.13
N PHE A 102 13.33 17.30 25.27
CA PHE A 102 13.85 16.85 23.98
C PHE A 102 15.34 16.74 24.06
N TYR A 103 15.88 15.56 23.78
CA TYR A 103 17.31 15.43 23.53
C TYR A 103 17.57 15.63 22.07
N VAL A 104 18.16 16.76 21.73
CA VAL A 104 18.43 17.10 20.35
C VAL A 104 19.91 17.00 20.06
N LEU A 105 20.26 16.07 19.17
CA LEU A 105 21.65 15.87 18.77
C LEU A 105 21.82 16.44 17.37
N PRO A 106 22.34 17.66 17.27
CA PRO A 106 22.33 18.42 16.01
C PRO A 106 23.12 17.81 14.86
N VAL A 107 24.32 17.33 15.15
CA VAL A 107 25.13 16.64 14.14
C VAL A 107 25.84 15.42 14.77
N LEU A 108 25.47 14.22 14.33
CA LEU A 108 26.16 13.03 14.82
C LEU A 108 27.47 12.83 14.09
N ASN A 109 27.39 12.83 12.77
CA ASN A 109 28.56 12.57 11.92
C ASN A 109 29.29 13.89 11.56
N ILE A 110 29.93 14.49 12.55
CA ILE A 110 30.58 15.78 12.38
C ILE A 110 31.73 15.71 11.39
N ASP A 111 32.52 14.65 11.47
CA ASP A 111 33.70 14.51 10.63
C ASP A 111 33.33 14.46 9.20
N GLY A 112 32.32 13.66 8.89
CA GLY A 112 31.85 13.57 7.53
C GLY A 112 31.26 14.89 7.05
N TYR A 113 30.57 15.60 7.96
CA TYR A 113 29.92 16.85 7.59
C TYR A 113 30.95 17.87 7.21
N ILE A 114 32.03 17.97 7.98
CA ILE A 114 33.11 18.87 7.66
C ILE A 114 33.64 18.58 6.26
N TYR A 115 33.74 17.28 5.95
CA TYR A 115 34.30 16.84 4.68
C TYR A 115 33.44 17.29 3.51
N THR A 116 32.13 17.32 3.70
CA THR A 116 31.24 17.78 2.63
C THR A 116 31.42 19.25 2.37
N TRP A 117 31.92 19.97 3.37
CA TRP A 117 32.22 21.40 3.22
C TRP A 117 33.63 21.64 2.62
N THR A 118 34.60 20.80 2.97
CA THR A 118 35.99 21.06 2.59
C THR A 118 36.43 20.32 1.32
N LYS A 119 35.86 19.16 1.05
CA LYS A 119 36.40 18.32 -0.01
C LYS A 119 35.38 17.72 -0.94
N ASN A 120 34.36 17.08 -0.40
CA ASN A 120 33.47 16.28 -1.23
C ASN A 120 32.04 16.40 -0.81
N ARG A 121 31.26 17.15 -1.57
CA ARG A 121 29.90 17.51 -1.17
C ARG A 121 28.98 16.27 -1.06
N MET A 122 29.31 15.19 -1.77
CA MET A 122 28.49 13.99 -1.78
C MET A 122 28.93 12.89 -0.78
N TRP A 123 29.81 13.25 0.15
CA TRP A 123 30.29 12.29 1.13
C TRP A 123 29.15 11.91 2.08
N ARG A 124 29.15 10.67 2.55
CA ARG A 124 28.04 10.13 3.32
C ARG A 124 28.49 9.59 4.66
N LYS A 125 29.58 8.83 4.64
CA LYS A 125 30.01 8.05 5.80
C LYS A 125 30.80 8.88 6.82
N THR A 126 31.33 8.20 7.83
CA THR A 126 32.28 8.81 8.75
C THR A 126 33.64 8.99 8.04
N ARG A 127 34.65 9.44 8.76
CA ARG A 127 35.97 9.62 8.18
C ARG A 127 37.03 8.78 8.88
N SER A 128 36.63 7.65 9.45
CA SER A 128 37.57 6.74 10.10
C SER A 128 38.37 5.90 9.06
N THR A 129 39.57 5.49 9.46
CA THR A 129 40.42 4.67 8.61
C THR A 129 40.05 3.21 8.73
N ASN A 130 40.44 2.43 7.74
CA ASN A 130 40.12 1.00 7.72
C ASN A 130 41.38 0.18 7.49
N ALA A 131 41.50 -0.96 8.16
CA ALA A 131 42.67 -1.81 8.01
C ALA A 131 42.70 -2.44 6.62
N GLY A 132 43.88 -2.46 6.00
CA GLY A 132 44.04 -3.17 4.75
C GLY A 132 43.57 -2.42 3.50
N THR A 133 43.21 -1.15 3.67
CA THR A 133 42.79 -0.34 2.54
C THR A 133 42.88 1.12 2.87
N THR A 134 42.98 1.95 1.83
CA THR A 134 42.97 3.40 1.99
C THR A 134 41.56 3.97 1.89
N CYS A 135 40.58 3.12 1.58
CA CYS A 135 39.21 3.59 1.57
C CYS A 135 38.76 4.01 2.98
N ILE A 136 38.00 5.10 3.05
CA ILE A 136 37.71 5.79 4.30
C ILE A 136 36.22 5.70 4.69
N GLY A 137 35.97 5.45 5.96
CA GLY A 137 34.64 5.70 6.50
C GLY A 137 33.72 4.51 6.64
N THR A 138 32.85 4.58 7.64
CA THR A 138 31.80 3.58 7.83
C THR A 138 30.47 4.30 7.72
N ASP A 139 29.46 3.60 7.20
CA ASP A 139 28.10 4.15 7.21
C ASP A 139 27.53 4.05 8.64
N PRO A 140 27.36 5.20 9.31
CA PRO A 140 26.88 5.16 10.68
C PRO A 140 25.54 4.43 10.81
N ASN A 141 24.71 4.51 9.78
CA ASN A 141 23.42 3.85 9.85
C ASN A 141 23.43 2.44 9.36
N ARG A 142 24.63 1.86 9.32
CA ARG A 142 24.79 0.42 9.11
C ARG A 142 25.65 -0.18 10.23
N ASN A 143 25.98 0.64 11.23
CA ASN A 143 26.98 0.26 12.23
C ASN A 143 26.36 -0.11 13.62
N PHE A 144 25.04 -0.08 13.74
CA PHE A 144 24.41 -0.46 15.00
C PHE A 144 24.16 -1.96 15.11
N ASP A 145 23.97 -2.43 16.33
CA ASP A 145 23.83 -3.86 16.58
C ASP A 145 22.40 -4.30 16.37
N ALA A 146 22.02 -4.37 15.10
CA ALA A 146 20.66 -4.73 14.71
C ALA A 146 20.73 -5.56 13.44
N GLY A 147 20.74 -6.88 13.59
CA GLY A 147 20.96 -7.75 12.45
C GLY A 147 22.21 -7.33 11.70
N TRP A 148 23.20 -6.85 12.44
CA TRP A 148 24.32 -6.10 11.88
C TRP A 148 24.99 -6.74 10.66
N CYS A 149 25.11 -5.94 9.60
CA CYS A 149 25.75 -6.32 8.33
C CYS A 149 25.16 -7.54 7.60
N THR A 150 23.90 -7.88 7.87
CA THR A 150 23.31 -9.08 7.28
C THR A 150 22.58 -8.86 5.95
N THR A 151 22.21 -7.61 5.66
CA THR A 151 21.52 -7.31 4.40
C THR A 151 21.56 -5.81 4.12
N GLY A 152 21.61 -5.45 2.85
CA GLY A 152 21.56 -4.04 2.47
C GLY A 152 22.75 -3.25 2.96
N ALA A 153 23.84 -3.95 3.27
CA ALA A 153 25.07 -3.30 3.70
C ALA A 153 26.23 -3.94 2.99
N SER A 154 27.37 -3.27 2.98
CA SER A 154 28.55 -3.81 2.31
C SER A 154 29.64 -4.10 3.28
N THR A 155 30.40 -5.16 3.01
CA THR A 155 31.57 -5.49 3.81
C THR A 155 32.82 -4.86 3.23
N ASP A 156 32.63 -4.13 2.13
CA ASP A 156 33.72 -3.46 1.43
C ASP A 156 33.82 -2.04 1.93
N PRO A 157 34.93 -1.69 2.59
CA PRO A 157 35.14 -0.34 3.14
C PRO A 157 35.01 0.76 2.09
N CYS A 158 35.19 0.40 0.83
CA CYS A 158 35.13 1.36 -0.27
C CYS A 158 33.70 1.68 -0.70
N ASP A 159 32.73 1.01 -0.10
CA ASP A 159 31.32 1.25 -0.44
C ASP A 159 30.66 2.24 0.53
N GLU A 160 29.67 2.98 0.04
CA GLU A 160 29.03 3.99 0.86
C GLU A 160 28.11 3.41 1.94
N THR A 161 27.84 2.10 1.87
CA THR A 161 27.05 1.43 2.90
C THR A 161 27.89 0.46 3.74
N TYR A 162 29.20 0.63 3.73
CA TYR A 162 30.08 -0.21 4.52
C TYR A 162 29.60 -0.27 5.95
N CYS A 163 29.56 -1.47 6.52
CA CYS A 163 28.92 -1.66 7.81
C CYS A 163 29.89 -1.50 8.98
N GLY A 164 31.18 -1.32 8.68
CA GLY A 164 32.16 -1.18 9.74
C GLY A 164 32.84 -2.50 10.04
N SER A 165 33.86 -2.47 10.90
CA SER A 165 34.60 -3.69 11.22
C SER A 165 33.84 -4.53 12.26
N ALA A 166 32.98 -3.86 13.01
CA ALA A 166 32.09 -4.52 13.96
C ALA A 166 30.97 -3.55 14.32
N ALA A 167 29.92 -4.05 14.95
CA ALA A 167 28.86 -3.15 15.42
C ALA A 167 29.42 -2.17 16.42
N GLU A 168 29.06 -0.90 16.28
CA GLU A 168 29.56 0.15 17.16
C GLU A 168 31.09 0.30 17.09
N SER A 169 31.66 -0.11 15.96
CA SER A 169 33.08 0.10 15.72
C SER A 169 33.40 1.60 15.69
N GLU A 170 32.41 2.42 15.35
CA GLU A 170 32.62 3.85 15.22
C GLU A 170 32.37 4.55 16.53
N LYS A 171 33.26 5.48 16.86
CA LYS A 171 33.13 6.26 18.09
C LYS A 171 31.80 6.95 18.17
N GLU A 172 31.33 7.44 17.02
CA GLU A 172 30.11 8.24 17.02
C GLU A 172 28.91 7.38 17.31
N THR A 173 28.89 6.17 16.74
CA THR A 173 27.76 5.26 16.95
C THR A 173 27.78 4.64 18.34
N LYS A 174 28.95 4.23 18.80
CA LYS A 174 29.07 3.73 20.17
C LYS A 174 28.66 4.79 21.19
N ALA A 175 28.97 6.04 20.88
CA ALA A 175 28.61 7.14 21.77
C ALA A 175 27.11 7.28 21.86
N LEU A 176 26.45 7.30 20.69
CA LEU A 176 25.01 7.43 20.66
C LEU A 176 24.32 6.26 21.36
N ALA A 177 24.82 5.05 21.11
CA ALA A 177 24.23 3.86 21.72
C ALA A 177 24.45 3.82 23.22
N ASP A 178 25.63 4.26 23.64
CA ASP A 178 25.92 4.33 25.06
C ASP A 178 24.98 5.28 25.76
N PHE A 179 24.71 6.43 25.13
CA PHE A 179 23.83 7.41 25.76
C PHE A 179 22.42 6.91 25.89
N ILE A 180 21.91 6.24 24.87
CA ILE A 180 20.54 5.75 24.90
C ILE A 180 20.37 4.61 25.92
N ARG A 181 21.35 3.72 25.98
CA ARG A 181 21.38 2.66 27.00
C ARG A 181 21.33 3.24 28.38
N ASN A 182 22.12 4.29 28.60
CA ASN A 182 22.23 4.87 29.92
C ASN A 182 21.00 5.63 30.33
N ASN A 183 20.16 5.96 29.36
CA ASN A 183 19.00 6.81 29.61
C ASN A 183 17.71 6.17 29.17
N LEU A 184 17.71 4.85 29.10
CA LEU A 184 16.62 4.09 28.51
C LEU A 184 15.32 4.25 29.29
N SER A 185 15.42 4.47 30.59
CA SER A 185 14.21 4.53 31.41
C SER A 185 13.43 5.82 31.20
N SER A 186 14.06 6.80 30.56
CA SER A 186 13.39 8.07 30.34
C SER A 186 13.04 8.33 28.89
N ILE A 187 13.83 7.79 27.97
CA ILE A 187 13.61 8.06 26.56
C ILE A 187 12.43 7.25 26.04
N LYS A 188 11.41 7.94 25.55
CA LYS A 188 10.17 7.29 25.18
C LYS A 188 10.00 7.16 23.69
N ALA A 189 10.76 7.94 22.95
CA ALA A 189 10.73 7.88 21.50
C ALA A 189 12.08 8.24 20.91
N TYR A 190 12.38 7.65 19.77
CA TYR A 190 13.62 7.93 19.06
C TYR A 190 13.29 8.38 17.63
N LEU A 191 13.80 9.55 17.25
CA LEU A 191 13.53 10.14 15.95
C LEU A 191 14.83 10.54 15.27
N THR A 192 15.09 9.98 14.09
CA THR A 192 16.33 10.25 13.41
C THR A 192 16.06 10.84 12.03
N ILE A 193 16.69 11.97 11.75
CA ILE A 193 16.29 12.83 10.65
C ILE A 193 17.25 12.70 9.47
N HIS A 194 16.71 12.33 8.32
CA HIS A 194 17.52 12.13 7.12
C HIS A 194 16.95 12.91 5.89
N SER A 195 17.65 12.82 4.76
CA SER A 195 17.08 13.13 3.45
C SER A 195 17.77 12.27 2.40
N TYR A 196 17.16 12.11 1.23
CA TYR A 196 15.86 12.69 0.90
C TYR A 196 14.97 11.54 0.46
N SER A 197 13.68 11.82 0.31
CA SER A 197 12.69 10.83 -0.13
C SER A 197 11.29 11.19 0.30
N GLN A 198 11.19 12.02 1.34
CA GLN A 198 9.88 12.34 1.91
C GLN A 198 9.18 11.06 2.36
N MET A 199 9.71 10.47 3.42
CA MET A 199 9.12 9.27 4.02
C MET A 199 9.13 9.35 5.52
N ILE A 200 8.21 8.63 6.14
CA ILE A 200 8.34 8.30 7.55
C ILE A 200 8.42 6.81 7.70
N LEU A 201 9.54 6.34 8.23
CA LEU A 201 9.84 4.92 8.27
C LEU A 201 9.96 4.44 9.66
N TYR A 202 9.48 3.23 9.91
CA TYR A 202 9.64 2.58 11.21
C TYR A 202 10.10 1.12 11.00
N PRO A 203 10.48 0.43 12.08
CA PRO A 203 11.06 -0.92 11.96
C PRO A 203 10.08 -1.90 11.33
N TYR A 204 10.60 -2.97 10.71
CA TYR A 204 12.04 -3.21 10.65
C TYR A 204 12.64 -3.02 9.27
N SER A 205 13.90 -2.64 9.23
CA SER A 205 14.67 -2.65 7.99
C SER A 205 15.65 -3.82 7.92
N TYR A 206 16.08 -4.35 9.06
CA TYR A 206 17.10 -5.40 9.02
C TYR A 206 16.49 -6.77 8.79
N ASP A 207 15.17 -6.84 8.75
CA ASP A 207 14.47 -8.08 8.47
C ASP A 207 13.06 -7.75 8.01
N TYR A 208 12.42 -8.70 7.34
CA TYR A 208 11.07 -8.49 6.85
C TYR A 208 10.00 -8.62 7.95
N LYS A 209 10.42 -9.05 9.13
CA LYS A 209 9.50 -9.20 10.25
C LYS A 209 8.95 -7.87 10.68
N LEU A 210 7.84 -7.90 11.41
CA LEU A 210 7.17 -6.68 11.84
C LEU A 210 7.20 -6.52 13.33
N PRO A 211 7.27 -5.27 13.80
CA PRO A 211 7.22 -4.94 15.23
C PRO A 211 5.84 -5.26 15.81
N GLU A 212 5.80 -5.67 17.07
CA GLU A 212 4.55 -6.11 17.68
C GLU A 212 3.50 -5.02 17.72
N ASN A 213 3.94 -3.76 17.79
CA ASN A 213 3.02 -2.64 17.73
C ASN A 213 3.00 -2.05 16.35
N ASN A 214 3.20 -2.91 15.36
CA ASN A 214 3.18 -2.53 13.96
C ASN A 214 1.95 -1.69 13.59
N ALA A 215 0.79 -2.03 14.15
CA ALA A 215 -0.44 -1.33 13.81
C ALA A 215 -0.42 0.06 14.38
N GLU A 216 0.09 0.18 15.59
CA GLU A 216 0.16 1.48 16.24
C GLU A 216 1.11 2.40 15.49
N LEU A 217 2.29 1.89 15.18
CA LEU A 217 3.29 2.69 14.46
C LEU A 217 2.77 3.14 13.12
N ASN A 218 2.06 2.26 12.43
CA ASN A 218 1.56 2.59 11.10
C ASN A 218 0.51 3.70 11.18
N ASN A 219 -0.38 3.62 12.16
CA ASN A 219 -1.40 4.64 12.33
C ASN A 219 -0.79 5.99 12.76
N LEU A 220 0.23 5.93 13.60
CA LEU A 220 0.88 7.15 14.07
C LEU A 220 1.63 7.82 12.94
N ALA A 221 2.32 7.03 12.13
CA ALA A 221 3.06 7.55 11.00
C ALA A 221 2.10 8.14 10.00
N LYS A 222 1.00 7.43 9.76
CA LYS A 222 -0.02 7.88 8.81
C LYS A 222 -0.58 9.24 9.18
N ALA A 223 -0.88 9.42 10.46
CA ALA A 223 -1.48 10.66 10.94
C ALA A 223 -0.49 11.80 10.93
N ALA A 224 0.78 11.48 11.17
CA ALA A 224 1.83 12.49 11.16
C ALA A 224 2.08 12.99 9.74
N VAL A 225 1.99 12.09 8.77
CA VAL A 225 2.12 12.46 7.37
C VAL A 225 1.03 13.41 6.97
N LYS A 226 -0.17 13.17 7.48
CA LYS A 226 -1.32 14.01 7.18
C LYS A 226 -1.07 15.40 7.72
N GLU A 227 -0.63 15.49 8.97
CA GLU A 227 -0.36 16.79 9.59
C GLU A 227 0.71 17.55 8.85
N LEU A 228 1.71 16.85 8.35
CA LEU A 228 2.79 17.48 7.63
C LEU A 228 2.27 18.10 6.32
N ALA A 229 1.38 17.38 5.65
CA ALA A 229 0.85 17.82 4.37
C ALA A 229 -0.09 19.02 4.46
N THR A 230 -0.60 19.29 5.67
CA THR A 230 -1.59 20.36 5.83
C THR A 230 -1.05 21.74 5.44
N LEU A 231 0.26 21.93 5.57
CA LEU A 231 0.86 23.24 5.33
C LEU A 231 1.05 23.58 3.85
N TYR A 232 1.69 22.69 3.11
CA TYR A 232 2.04 22.97 1.72
C TYR A 232 1.67 21.84 0.79
N GLY A 233 0.97 20.84 1.32
CA GLY A 233 0.54 19.74 0.49
C GLY A 233 1.66 18.78 0.15
N THR A 234 2.79 18.90 0.84
CA THR A 234 3.91 18.00 0.61
C THR A 234 3.52 16.60 0.98
N LYS A 235 3.72 15.67 0.04
CA LYS A 235 3.26 14.30 0.21
C LYS A 235 4.34 13.39 0.68
N TYR A 236 4.10 12.74 1.81
CA TYR A 236 5.00 11.74 2.35
C TYR A 236 4.41 10.37 2.22
N THR A 237 5.28 9.38 2.10
CA THR A 237 4.86 7.99 2.14
C THR A 237 5.35 7.42 3.49
N TYR A 238 4.88 6.24 3.86
CA TYR A 238 5.20 5.71 5.18
C TYR A 238 5.15 4.18 5.23
N GLY A 239 5.87 3.61 6.19
CA GLY A 239 5.78 2.17 6.41
C GLY A 239 7.03 1.56 6.99
N PRO A 240 7.05 0.22 7.16
CA PRO A 240 8.25 -0.49 7.62
C PRO A 240 9.38 -0.28 6.62
N GLY A 241 10.58 -0.01 7.13
CA GLY A 241 11.69 0.37 6.28
C GLY A 241 11.98 -0.62 5.18
N ALA A 242 11.92 -1.92 5.51
CA ALA A 242 12.36 -2.97 4.61
C ALA A 242 11.55 -3.02 3.33
N THR A 243 10.25 -2.85 3.46
CA THR A 243 9.33 -2.92 2.32
C THR A 243 9.00 -1.55 1.75
N THR A 244 9.36 -0.49 2.48
CA THR A 244 8.98 0.85 2.06
C THR A 244 10.07 1.55 1.24
N ILE A 245 11.33 1.20 1.50
CA ILE A 245 12.42 1.71 0.67
C ILE A 245 13.47 0.66 0.33
N TYR A 246 13.93 -0.08 1.34
CA TYR A 246 14.76 -1.27 1.10
C TYR A 246 15.18 -1.92 2.37
N PRO A 247 15.53 -3.21 2.30
CA PRO A 247 16.12 -3.92 3.43
C PRO A 247 17.48 -3.31 3.75
N ALA A 248 17.74 -3.06 5.02
CA ALA A 248 19.02 -2.52 5.44
C ALA A 248 19.24 -2.78 6.89
N ALA A 249 20.34 -3.43 7.21
CA ALA A 249 20.62 -3.83 8.59
C ALA A 249 21.46 -2.80 9.30
N GLY A 250 21.51 -2.89 10.62
CA GLY A 250 22.44 -2.07 11.37
C GLY A 250 22.02 -0.63 11.57
N GLY A 251 20.73 -0.33 11.37
CA GLY A 251 20.25 1.03 11.52
C GLY A 251 19.88 1.37 12.95
N SER A 252 19.91 2.65 13.30
CA SER A 252 19.70 3.07 14.68
C SER A 252 18.23 3.02 15.08
N ASP A 253 17.33 3.26 14.13
CA ASP A 253 15.91 3.16 14.46
C ASP A 253 15.53 1.76 14.92
N ASP A 254 15.95 0.76 14.16
CA ASP A 254 15.70 -0.63 14.54
C ASP A 254 16.37 -0.96 15.85
N TRP A 255 17.60 -0.52 16.02
CA TRP A 255 18.32 -0.81 17.25
C TRP A 255 17.61 -0.21 18.47
N ALA A 256 17.20 1.05 18.33
CA ALA A 256 16.52 1.75 19.42
C ALA A 256 15.23 1.05 19.77
N TYR A 257 14.48 0.64 18.75
CA TYR A 257 13.23 -0.07 18.99
C TYR A 257 13.49 -1.37 19.74
N ASP A 258 14.52 -2.11 19.34
CA ASP A 258 14.84 -3.36 20.00
C ASP A 258 15.39 -3.17 21.43
N GLN A 259 15.71 -1.93 21.79
CA GLN A 259 16.08 -1.63 23.17
C GLN A 259 14.85 -1.45 24.04
N GLY A 260 13.69 -1.36 23.39
CA GLY A 260 12.45 -1.20 24.13
C GLY A 260 11.80 0.15 23.93
N ILE A 261 12.38 0.98 23.07
CA ILE A 261 11.79 2.27 22.72
C ILE A 261 10.75 2.03 21.65
N LYS A 262 9.48 2.11 22.04
CA LYS A 262 8.39 1.61 21.20
C LYS A 262 8.06 2.51 20.04
N TYR A 263 8.45 3.77 20.14
CA TYR A 263 8.21 4.70 19.05
C TYR A 263 9.54 5.12 18.43
N SER A 264 9.80 4.61 17.23
CA SER A 264 11.08 4.81 16.57
C SER A 264 10.85 5.08 15.11
N PHE A 265 11.32 6.25 14.65
CA PHE A 265 11.04 6.69 13.29
C PHE A 265 12.23 7.29 12.63
N THR A 266 12.43 6.91 11.38
CA THR A 266 13.35 7.61 10.49
C THR A 266 12.55 8.57 9.64
N PHE A 267 12.86 9.85 9.73
CA PHE A 267 12.25 10.84 8.85
C PHE A 267 13.17 11.12 7.68
N GLU A 268 12.65 10.97 6.47
CA GLU A 268 13.36 11.39 5.27
C GLU A 268 12.69 12.64 4.70
N LEU A 269 13.40 13.77 4.74
CA LEU A 269 12.82 15.05 4.36
C LEU A 269 12.85 15.28 2.83
N ARG A 270 12.61 16.52 2.40
CA ARG A 270 12.59 16.88 0.98
C ARG A 270 13.95 16.65 0.32
N ASP A 271 13.95 16.40 -0.99
CA ASP A 271 12.72 16.33 -1.78
C ASP A 271 12.58 14.96 -2.34
N LYS A 272 12.11 14.85 -3.58
CA LYS A 272 11.93 13.54 -4.20
C LYS A 272 12.95 13.29 -5.31
N GLY A 273 13.90 14.20 -5.46
CA GLY A 273 15.00 13.95 -6.38
C GLY A 273 15.35 15.10 -7.32
N ARG A 274 14.47 16.08 -7.47
CA ARG A 274 14.79 17.21 -8.34
C ARG A 274 16.09 17.83 -7.94
N TYR A 275 16.27 18.05 -6.64
CA TYR A 275 17.51 18.61 -6.12
C TYR A 275 18.25 17.63 -5.24
N GLY A 276 17.51 16.66 -4.71
CA GLY A 276 18.13 15.62 -3.91
C GLY A 276 18.81 16.17 -2.67
N PHE A 277 20.09 15.82 -2.49
CA PHE A 277 20.83 16.24 -1.31
C PHE A 277 21.15 17.72 -1.35
N ILE A 278 21.23 18.29 -2.54
CA ILE A 278 21.57 19.69 -2.71
C ILE A 278 20.31 20.55 -2.71
N LEU A 279 19.47 20.39 -1.69
CA LEU A 279 18.24 21.17 -1.57
C LEU A 279 18.59 22.67 -1.45
N PRO A 280 17.97 23.52 -2.29
CA PRO A 280 18.26 24.95 -2.20
C PRO A 280 17.88 25.57 -0.85
N GLU A 281 18.69 26.51 -0.39
CA GLU A 281 18.47 27.13 0.89
C GLU A 281 17.10 27.81 0.98
N SER A 282 16.57 28.19 -0.18
CA SER A 282 15.27 28.86 -0.23
C SER A 282 14.14 27.93 0.19
N GLN A 283 14.43 26.63 0.28
CA GLN A 283 13.42 25.67 0.73
C GLN A 283 13.61 25.27 2.17
N ILE A 284 14.68 25.73 2.80
CA ILE A 284 14.95 25.36 4.18
C ILE A 284 13.75 25.67 5.07
N GLN A 285 13.22 26.89 4.97
CA GLN A 285 12.16 27.32 5.88
C GLN A 285 10.92 26.47 5.76
N ALA A 286 10.39 26.35 4.53
CA ALA A 286 9.17 25.60 4.30
C ALA A 286 9.32 24.12 4.69
N THR A 287 10.46 23.54 4.34
CA THR A 287 10.74 22.16 4.69
C THR A 287 10.65 22.00 6.18
N CYS A 288 11.30 22.89 6.92
CA CYS A 288 11.35 22.81 8.36
C CYS A 288 10.02 23.05 9.02
N GLU A 289 9.27 24.02 8.51
CA GLU A 289 7.95 24.33 9.07
C GLU A 289 6.98 23.15 8.98
N GLU A 290 6.97 22.48 7.84
CA GLU A 290 6.05 21.36 7.67
C GLU A 290 6.52 20.18 8.49
N THR A 291 7.85 20.01 8.61
CA THR A 291 8.39 18.91 9.37
C THR A 291 8.07 19.07 10.86
N MET A 292 8.05 20.32 11.33
CA MET A 292 7.72 20.63 12.72
C MET A 292 6.37 20.10 13.11
N LEU A 293 5.43 20.13 12.17
CA LEU A 293 4.07 19.71 12.45
C LEU A 293 4.02 18.21 12.72
N ALA A 294 4.77 17.45 11.94
CA ALA A 294 4.85 16.00 12.16
C ALA A 294 5.52 15.66 13.49
N ILE A 295 6.60 16.38 13.82
CA ILE A 295 7.34 16.11 15.04
C ILE A 295 6.45 16.39 16.25
N LYS A 296 5.75 17.51 16.21
CA LYS A 296 4.89 17.90 17.32
C LYS A 296 3.68 16.99 17.46
N TYR A 297 3.23 16.42 16.36
CA TYR A 297 2.13 15.46 16.42
C TYR A 297 2.59 14.18 17.09
N VAL A 298 3.80 13.74 16.78
CA VAL A 298 4.34 12.55 17.41
C VAL A 298 4.60 12.80 18.89
N THR A 299 5.10 13.99 19.20
CA THR A 299 5.40 14.35 20.58
C THR A 299 4.12 14.33 21.41
N ASN A 300 3.06 14.95 20.89
CA ASN A 300 1.78 14.94 21.57
C ASN A 300 1.30 13.49 21.81
N TYR A 301 1.46 12.64 20.80
CA TYR A 301 1.03 11.25 20.92
C TYR A 301 1.78 10.54 22.03
N VAL A 302 3.11 10.65 22.00
CA VAL A 302 3.94 10.02 23.02
C VAL A 302 3.47 10.44 24.39
N LEU A 303 3.10 11.72 24.51
CA LEU A 303 2.77 12.30 25.79
C LEU A 303 1.53 11.65 26.39
N GLY A 304 0.56 11.35 25.54
CA GLY A 304 -0.67 10.75 26.02
C GLY A 304 -0.62 9.23 26.02
N HIS A 305 0.56 8.68 25.74
CA HIS A 305 0.76 7.24 25.82
C HIS A 305 1.94 6.89 26.67
N LEU A 306 2.04 7.56 27.81
CA LEU A 306 3.11 7.28 28.77
C LEU A 306 2.69 6.23 29.77
N GLY B 3 -12.90 -14.93 -6.71
CA GLY B 3 -11.91 -14.75 -5.60
C GLY B 3 -10.47 -14.94 -6.05
N HIS B 4 -9.98 -14.02 -6.88
CA HIS B 4 -8.60 -14.07 -7.33
C HIS B 4 -7.64 -13.60 -6.23
N SER B 5 -6.52 -14.31 -6.11
CA SER B 5 -5.43 -13.87 -5.22
C SER B 5 -4.09 -14.07 -5.89
N TYR B 6 -3.24 -13.05 -5.78
CA TYR B 6 -1.89 -13.14 -6.32
C TYR B 6 -1.03 -14.03 -5.47
N GLU B 7 -1.54 -14.38 -4.30
CA GLU B 7 -0.78 -15.17 -3.33
C GLU B 7 -1.34 -16.61 -3.19
N LYS B 8 -2.25 -16.99 -4.08
CA LYS B 8 -2.74 -18.35 -4.16
C LYS B 8 -2.83 -18.76 -5.59
N TYR B 9 -2.97 -20.06 -5.84
CA TYR B 9 -3.15 -20.54 -7.20
C TYR B 9 -4.61 -20.45 -7.60
N ASN B 10 -4.86 -19.87 -8.77
CA ASN B 10 -6.21 -19.62 -9.22
C ASN B 10 -6.60 -20.59 -10.34
N ASN B 11 -7.84 -21.08 -10.30
CA ASN B 11 -8.33 -21.94 -11.37
C ASN B 11 -8.60 -21.12 -12.63
N TRP B 12 -8.89 -21.80 -13.73
CA TRP B 12 -9.01 -21.12 -15.01
C TRP B 12 -10.10 -20.08 -15.02
N GLU B 13 -11.22 -20.40 -14.39
CA GLU B 13 -12.36 -19.49 -14.36
C GLU B 13 -11.92 -18.17 -13.76
N THR B 14 -11.22 -18.25 -12.64
CA THR B 14 -10.74 -17.06 -11.94
C THR B 14 -9.71 -16.29 -12.74
N ILE B 15 -8.81 -17.01 -13.41
CA ILE B 15 -7.80 -16.35 -14.22
C ILE B 15 -8.42 -15.64 -15.42
N GLU B 16 -9.37 -16.29 -16.09
CA GLU B 16 -10.05 -15.67 -17.22
C GLU B 16 -10.78 -14.38 -16.80
N ALA B 17 -11.51 -14.45 -15.70
CA ALA B 17 -12.18 -13.26 -15.17
C ALA B 17 -11.15 -12.17 -14.86
N TRP B 18 -9.99 -12.59 -14.36
CA TRP B 18 -8.94 -11.66 -13.99
C TRP B 18 -8.35 -10.96 -15.20
N THR B 19 -8.27 -11.66 -16.33
CA THR B 19 -7.75 -11.05 -17.55
C THR B 19 -8.65 -9.90 -17.97
N LYS B 20 -9.95 -10.03 -17.74
CA LYS B 20 -10.88 -8.97 -18.09
C LYS B 20 -10.86 -7.86 -17.09
N GLN B 21 -10.80 -8.23 -15.81
CA GLN B 21 -10.86 -7.26 -14.73
C GLN B 21 -9.63 -6.37 -14.71
N VAL B 22 -8.44 -6.97 -14.83
CA VAL B 22 -7.21 -6.20 -14.72
C VAL B 22 -7.04 -5.27 -15.91
N THR B 23 -7.61 -5.66 -17.06
CA THR B 23 -7.58 -4.82 -18.24
C THR B 23 -8.49 -3.61 -18.06
N SER B 24 -9.63 -3.81 -17.42
CA SER B 24 -10.62 -2.76 -17.23
C SER B 24 -10.17 -1.78 -16.19
N GLU B 25 -9.32 -2.26 -15.27
CA GLU B 25 -8.84 -1.42 -14.20
C GLU B 25 -7.63 -0.65 -14.60
N ASN B 26 -7.08 -1.01 -15.75
CA ASN B 26 -5.85 -0.38 -16.22
C ASN B 26 -5.88 -0.09 -17.69
N PRO B 27 -6.86 0.71 -18.14
CA PRO B 27 -7.09 0.98 -19.56
C PRO B 27 -5.89 1.64 -20.24
N ASP B 28 -5.06 2.30 -19.44
CA ASP B 28 -3.93 3.05 -20.00
C ASP B 28 -2.64 2.26 -20.05
N LEU B 29 -2.67 1.02 -19.55
CA LEU B 29 -1.47 0.19 -19.53
C LEU B 29 -1.70 -1.22 -20.05
N ILE B 30 -2.97 -1.63 -20.14
CA ILE B 30 -3.28 -2.98 -20.60
C ILE B 30 -4.39 -2.99 -21.63
N SER B 31 -4.17 -3.75 -22.69
CA SER B 31 -5.25 -4.19 -23.57
C SER B 31 -5.17 -5.69 -23.71
N ARG B 32 -6.27 -6.31 -24.10
CA ARG B 32 -6.35 -7.76 -24.12
C ARG B 32 -6.96 -8.29 -25.42
N THR B 33 -6.44 -9.41 -25.90
CA THR B 33 -7.00 -10.09 -27.05
C THR B 33 -6.91 -11.57 -26.83
N ALA B 34 -7.46 -12.34 -27.75
CA ALA B 34 -7.14 -13.76 -27.85
C ALA B 34 -6.36 -14.00 -29.12
N ILE B 35 -5.38 -14.89 -29.07
CA ILE B 35 -4.60 -15.23 -30.25
C ILE B 35 -5.07 -16.53 -30.86
N GLY B 36 -5.95 -17.24 -30.15
CA GLY B 36 -6.51 -18.46 -30.67
C GLY B 36 -7.43 -19.13 -29.66
N THR B 37 -7.94 -20.31 -30.01
CA THR B 37 -8.73 -21.11 -29.07
C THR B 37 -8.08 -22.47 -28.89
N THR B 38 -8.37 -23.12 -27.76
CA THR B 38 -7.76 -24.41 -27.47
C THR B 38 -8.55 -25.54 -28.12
N PHE B 39 -8.05 -26.77 -27.95
CA PHE B 39 -8.76 -27.94 -28.45
C PHE B 39 -10.20 -27.97 -27.93
N LEU B 40 -10.42 -27.51 -26.71
CA LEU B 40 -11.73 -27.61 -26.08
C LEU B 40 -12.50 -26.28 -26.10
N GLY B 41 -12.01 -25.32 -26.86
CA GLY B 41 -12.77 -24.11 -27.09
C GLY B 41 -12.52 -22.98 -26.12
N ASN B 42 -11.44 -23.06 -25.37
CA ASN B 42 -11.09 -22.00 -24.44
C ASN B 42 -10.27 -20.88 -25.14
N ASN B 43 -10.44 -19.64 -24.67
CA ASN B 43 -9.78 -18.50 -25.31
C ASN B 43 -8.39 -18.28 -24.79
N ILE B 44 -7.42 -18.31 -25.71
CA ILE B 44 -6.03 -18.10 -25.38
C ILE B 44 -5.73 -16.60 -25.28
N TYR B 45 -5.96 -16.03 -24.11
CA TYR B 45 -5.81 -14.59 -23.93
C TYR B 45 -4.38 -14.16 -23.97
N LEU B 46 -4.17 -12.95 -24.49
CA LEU B 46 -2.85 -12.32 -24.48
C LEU B 46 -3.02 -10.92 -24.01
N LEU B 47 -2.18 -10.50 -23.06
CA LEU B 47 -2.26 -9.15 -22.53
C LEU B 47 -1.13 -8.33 -23.07
N LYS B 48 -1.46 -7.14 -23.55
CA LYS B 48 -0.46 -6.20 -24.04
C LYS B 48 -0.21 -5.14 -23.00
N VAL B 49 0.93 -5.25 -22.32
CA VAL B 49 1.26 -4.36 -21.20
C VAL B 49 2.24 -3.32 -21.56
N GLY B 50 1.83 -2.07 -21.39
CA GLY B 50 2.70 -0.95 -21.74
C GLY B 50 1.91 0.30 -22.04
N LYS B 51 2.59 1.45 -22.02
CA LYS B 51 1.94 2.72 -22.35
C LYS B 51 1.68 2.75 -23.84
N PRO B 52 0.40 2.83 -24.24
CA PRO B 52 0.02 2.64 -25.64
C PRO B 52 0.73 3.60 -26.57
N GLY B 53 1.23 3.07 -27.68
CA GLY B 53 1.91 3.90 -28.65
C GLY B 53 2.25 3.09 -29.89
N PRO B 54 2.46 3.75 -31.03
CA PRO B 54 2.70 3.08 -32.31
C PRO B 54 4.09 2.46 -32.41
N ASN B 55 4.17 1.33 -33.10
CA ASN B 55 5.44 0.77 -33.56
C ASN B 55 6.47 0.52 -32.47
N LYS B 56 6.02 0.23 -31.26
CA LYS B 56 6.94 -0.07 -30.18
C LYS B 56 7.53 -1.46 -30.32
N PRO B 57 8.81 -1.62 -29.94
CA PRO B 57 9.36 -2.97 -29.78
C PRO B 57 8.69 -3.68 -28.60
N ALA B 58 8.81 -5.00 -28.57
CA ALA B 58 8.08 -5.77 -27.58
C ALA B 58 8.86 -6.92 -27.04
N ILE B 59 8.52 -7.31 -25.81
CA ILE B 59 9.04 -8.52 -25.20
C ILE B 59 7.87 -9.45 -25.02
N PHE B 60 8.06 -10.70 -25.43
CA PHE B 60 6.99 -11.70 -25.33
C PHE B 60 7.30 -12.67 -24.22
N MET B 61 6.35 -12.84 -23.31
CA MET B 61 6.50 -13.79 -22.20
C MET B 61 5.25 -14.64 -22.10
N ASP B 62 5.42 -15.96 -22.04
CA ASP B 62 4.28 -16.83 -21.77
C ASP B 62 4.47 -17.72 -20.55
N CYS B 63 3.36 -18.13 -19.97
CA CYS B 63 3.35 -19.05 -18.85
C CYS B 63 2.40 -20.20 -19.13
N GLY B 64 2.49 -21.26 -18.32
CA GLY B 64 1.51 -22.32 -18.41
C GLY B 64 1.57 -23.18 -19.65
N PHE B 65 2.75 -23.31 -20.26
CA PHE B 65 2.95 -24.31 -21.31
C PHE B 65 2.59 -25.68 -20.71
N HIS B 66 3.11 -25.95 -19.53
CA HIS B 66 2.94 -27.27 -18.91
C HIS B 66 1.98 -27.19 -17.75
N ALA B 67 0.95 -28.04 -17.81
CA ALA B 67 -0.23 -27.89 -16.96
C ALA B 67 0.07 -27.88 -15.47
N ARG B 68 0.92 -28.80 -15.00
CA ARG B 68 1.12 -29.01 -13.57
C ARG B 68 2.05 -28.01 -12.91
N GLU B 69 2.67 -27.16 -13.72
CA GLU B 69 3.65 -26.20 -13.23
C GLU B 69 2.97 -24.91 -12.82
N TRP B 70 2.17 -24.99 -11.75
CA TRP B 70 1.28 -23.92 -11.36
C TRP B 70 1.97 -22.61 -11.01
N ILE B 71 3.23 -22.68 -10.59
CA ILE B 71 3.95 -21.47 -10.18
C ILE B 71 4.18 -20.57 -11.37
N SER B 72 4.25 -21.18 -12.55
CA SER B 72 4.43 -20.45 -13.81
C SER B 72 3.23 -19.55 -14.10
N HIS B 73 2.03 -20.13 -14.07
CA HIS B 73 0.80 -19.37 -14.23
C HIS B 73 0.78 -18.23 -13.25
N ALA B 74 1.13 -18.54 -12.00
CA ALA B 74 1.10 -17.53 -10.93
C ALA B 74 1.99 -16.36 -11.25
N PHE B 75 3.15 -16.61 -11.84
CA PHE B 75 4.10 -15.54 -12.09
C PHE B 75 3.63 -14.52 -13.14
N CYS B 76 3.03 -15.00 -14.23
CA CYS B 76 2.52 -14.09 -15.25
C CYS B 76 1.50 -13.16 -14.64
N GLN B 77 0.67 -13.70 -13.75
CA GLN B 77 -0.26 -12.85 -13.01
C GLN B 77 0.50 -11.91 -12.10
N TRP B 78 1.52 -12.40 -11.42
CA TRP B 78 2.28 -11.53 -10.53
C TRP B 78 2.91 -10.41 -11.32
N PHE B 79 3.50 -10.76 -12.47
CA PHE B 79 4.19 -9.77 -13.30
C PHE B 79 3.29 -8.62 -13.71
N VAL B 80 2.07 -8.92 -14.15
CA VAL B 80 1.19 -7.88 -14.68
C VAL B 80 0.79 -6.88 -13.61
N ARG B 81 0.51 -7.37 -12.40
CA ARG B 81 0.19 -6.46 -11.30
C ARG B 81 1.34 -5.56 -10.97
N GLU B 82 2.54 -6.11 -10.97
CA GLU B 82 3.73 -5.32 -10.62
C GLU B 82 3.95 -4.23 -11.66
N ALA B 83 3.69 -4.56 -12.91
CA ALA B 83 3.84 -3.60 -14.00
C ALA B 83 2.98 -2.37 -13.75
N VAL B 84 1.70 -2.59 -13.47
CA VAL B 84 0.77 -1.48 -13.32
C VAL B 84 0.87 -0.81 -11.96
N LEU B 85 1.35 -1.54 -10.95
CA LEU B 85 1.46 -1.00 -9.60
C LEU B 85 2.69 -0.11 -9.44
N THR B 86 3.75 -0.43 -10.16
CA THR B 86 4.99 0.31 -10.02
C THR B 86 5.21 1.33 -11.12
N TYR B 87 4.34 1.32 -12.13
CA TYR B 87 4.47 2.28 -13.22
C TYR B 87 4.25 3.69 -12.72
N GLY B 88 5.21 4.57 -13.02
CA GLY B 88 5.16 5.93 -12.51
C GLY B 88 5.75 6.04 -11.13
N TYR B 89 6.19 4.91 -10.58
CA TYR B 89 6.76 4.88 -9.24
C TYR B 89 8.18 4.39 -9.22
N GLU B 90 8.41 3.25 -9.88
CA GLU B 90 9.76 2.72 -10.01
C GLU B 90 10.30 3.11 -11.39
N SER B 91 11.47 3.75 -11.41
CA SER B 91 11.95 4.41 -12.62
C SER B 91 12.20 3.45 -13.77
N HIS B 92 12.75 2.28 -13.46
CA HIS B 92 13.06 1.31 -14.51
C HIS B 92 11.81 0.76 -15.19
N MET B 93 10.86 0.27 -14.41
CA MET B 93 9.63 -0.28 -14.97
C MET B 93 8.85 0.78 -15.71
N THR B 94 8.88 2.01 -15.21
CA THR B 94 8.23 3.12 -15.90
C THR B 94 8.89 3.30 -17.25
N GLU B 95 10.20 3.15 -17.26
CA GLU B 95 10.96 3.26 -18.50
C GLU B 95 10.61 2.13 -19.45
N PHE B 96 10.55 0.90 -18.92
CA PHE B 96 10.22 -0.25 -19.74
C PHE B 96 8.87 -0.05 -20.43
N LEU B 97 7.87 0.33 -19.65
CA LEU B 97 6.50 0.40 -20.18
C LEU B 97 6.31 1.58 -21.13
N ASN B 98 7.15 2.60 -21.00
CA ASN B 98 7.11 3.70 -21.94
C ASN B 98 7.71 3.30 -23.29
N LYS B 99 8.80 2.55 -23.26
CA LYS B 99 9.54 2.24 -24.48
C LYS B 99 9.15 0.92 -25.14
N LEU B 100 8.70 -0.03 -24.33
CA LEU B 100 8.38 -1.37 -24.83
C LEU B 100 6.96 -1.76 -24.50
N ASP B 101 6.43 -2.71 -25.26
CA ASP B 101 5.26 -3.46 -24.83
C ASP B 101 5.68 -4.83 -24.32
N PHE B 102 5.05 -5.27 -23.23
CA PHE B 102 5.15 -6.66 -22.80
C PHE B 102 3.93 -7.41 -23.28
N TYR B 103 4.13 -8.42 -24.12
CA TYR B 103 3.06 -9.35 -24.42
C TYR B 103 3.10 -10.46 -23.41
N VAL B 104 2.10 -10.50 -22.55
CA VAL B 104 2.00 -11.51 -21.51
C VAL B 104 0.91 -12.51 -21.85
N LEU B 105 1.30 -13.78 -22.03
CA LEU B 105 0.33 -14.83 -22.28
C LEU B 105 0.23 -15.67 -21.03
N PRO B 106 -0.79 -15.39 -20.20
CA PRO B 106 -0.86 -15.95 -18.85
C PRO B 106 -0.94 -17.47 -18.80
N VAL B 107 -1.77 -18.08 -19.65
CA VAL B 107 -1.82 -19.53 -19.75
C VAL B 107 -1.96 -19.99 -21.17
N LEU B 108 -0.96 -20.73 -21.67
CA LEU B 108 -1.04 -21.27 -23.02
C LEU B 108 -1.84 -22.57 -23.08
N ASN B 109 -1.47 -23.52 -22.24
CA ASN B 109 -2.12 -24.83 -22.20
C ASN B 109 -3.29 -24.81 -21.20
N ILE B 110 -4.36 -24.11 -21.59
CA ILE B 110 -5.53 -23.92 -20.73
C ILE B 110 -6.27 -25.22 -20.44
N ASP B 111 -6.41 -26.07 -21.44
CA ASP B 111 -7.13 -27.33 -21.27
C ASP B 111 -6.43 -28.21 -20.30
N GLY B 112 -5.11 -28.27 -20.44
CA GLY B 112 -4.32 -29.07 -19.52
C GLY B 112 -4.40 -28.52 -18.11
N TYR B 113 -4.38 -27.20 -17.97
CA TYR B 113 -4.43 -26.58 -16.65
C TYR B 113 -5.74 -26.91 -15.95
N ILE B 114 -6.85 -26.84 -16.68
CA ILE B 114 -8.14 -27.19 -16.12
C ILE B 114 -8.11 -28.60 -15.61
N TYR B 115 -7.48 -29.48 -16.36
CA TYR B 115 -7.44 -30.89 -16.02
C TYR B 115 -6.67 -31.17 -14.72
N THR B 116 -5.69 -30.33 -14.41
CA THR B 116 -4.93 -30.50 -13.17
C THR B 116 -5.77 -30.06 -11.96
N TRP B 117 -6.78 -29.23 -12.19
CA TRP B 117 -7.71 -28.81 -11.15
C TRP B 117 -8.85 -29.76 -10.96
N THR B 118 -9.26 -30.44 -12.03
CA THR B 118 -10.46 -31.27 -11.98
C THR B 118 -10.18 -32.76 -11.79
N LYS B 119 -9.10 -33.26 -12.38
CA LYS B 119 -8.89 -34.70 -12.49
C LYS B 119 -7.52 -35.18 -12.04
N ASN B 120 -6.46 -34.54 -12.51
CA ASN B 120 -5.11 -35.07 -12.35
C ASN B 120 -4.08 -33.97 -12.19
N ARG B 121 -3.62 -33.78 -10.96
CA ARG B 121 -2.74 -32.66 -10.62
C ARG B 121 -1.38 -32.74 -11.32
N MET B 122 -1.02 -33.92 -11.79
CA MET B 122 0.28 -34.13 -12.42
C MET B 122 0.24 -34.18 -13.92
N TRP B 123 -0.85 -33.69 -14.51
CA TRP B 123 -0.96 -33.64 -15.95
C TRP B 123 0.02 -32.60 -16.52
N ARG B 124 0.55 -32.87 -17.71
CA ARG B 124 1.59 -32.02 -18.31
C ARG B 124 1.14 -31.49 -19.66
N LYS B 125 0.56 -32.36 -20.48
CA LYS B 125 0.31 -32.09 -21.88
C LYS B 125 -0.99 -31.33 -22.15
N THR B 126 -1.29 -31.13 -23.42
CA THR B 126 -2.61 -30.67 -23.83
C THR B 126 -3.60 -31.79 -23.59
N ARG B 127 -4.85 -31.58 -23.98
CA ARG B 127 -5.88 -32.59 -23.83
C ARG B 127 -6.52 -32.97 -25.17
N SER B 128 -5.77 -32.82 -26.26
CA SER B 128 -6.27 -33.22 -27.57
C SER B 128 -6.26 -34.73 -27.72
N THR B 129 -7.15 -35.23 -28.57
CA THR B 129 -7.22 -36.67 -28.81
C THR B 129 -6.24 -37.09 -29.87
N ASN B 130 -5.89 -38.37 -29.87
CA ASN B 130 -4.92 -38.92 -30.81
C ASN B 130 -5.48 -40.10 -31.54
N ALA B 131 -5.18 -40.19 -32.82
CA ALA B 131 -5.73 -41.26 -33.65
C ALA B 131 -5.18 -42.61 -33.23
N GLY B 132 -6.07 -43.59 -33.14
CA GLY B 132 -5.63 -44.96 -32.94
C GLY B 132 -5.35 -45.36 -31.51
N THR B 133 -5.69 -44.48 -30.56
CA THR B 133 -5.49 -44.78 -29.15
C THR B 133 -6.37 -43.85 -28.30
N THR B 134 -6.59 -44.25 -27.05
CA THR B 134 -7.31 -43.42 -26.10
C THR B 134 -6.38 -42.46 -25.35
N CYS B 135 -5.08 -42.64 -25.49
CA CYS B 135 -4.14 -41.75 -24.82
C CYS B 135 -4.33 -40.31 -25.30
N ILE B 136 -4.21 -39.37 -24.37
CA ILE B 136 -4.57 -37.98 -24.61
C ILE B 136 -3.38 -37.05 -24.55
N GLY B 137 -3.33 -36.09 -25.47
CA GLY B 137 -2.46 -34.95 -25.27
C GLY B 137 -1.10 -34.99 -25.94
N THR B 138 -0.61 -33.80 -26.28
CA THR B 138 0.71 -33.62 -26.86
C THR B 138 1.50 -32.67 -25.93
N ASP B 139 2.81 -32.85 -25.85
CA ASP B 139 3.65 -31.92 -25.09
C ASP B 139 3.85 -30.67 -25.93
N PRO B 140 3.25 -29.54 -25.52
CA PRO B 140 3.34 -28.33 -26.36
C PRO B 140 4.77 -27.89 -26.61
N ASN B 141 5.66 -28.19 -25.67
CA ASN B 141 7.06 -27.81 -25.85
C ASN B 141 7.87 -28.86 -26.57
N ARG B 142 7.18 -29.80 -27.22
CA ARG B 142 7.83 -30.68 -28.17
C ARG B 142 7.17 -30.53 -29.53
N ASN B 143 6.29 -29.55 -29.65
CA ASN B 143 5.38 -29.49 -30.79
C ASN B 143 5.72 -28.34 -31.71
N PHE B 144 6.82 -27.66 -31.41
CA PHE B 144 7.26 -26.55 -32.26
C PHE B 144 8.22 -27.01 -33.31
N ASP B 145 8.35 -26.21 -34.37
CA ASP B 145 9.10 -26.61 -35.56
C ASP B 145 10.60 -26.35 -35.40
N ALA B 146 11.22 -27.02 -34.44
CA ALA B 146 12.63 -26.85 -34.18
C ALA B 146 13.24 -28.20 -34.07
N GLY B 147 13.81 -28.69 -35.18
CA GLY B 147 14.29 -30.06 -35.21
C GLY B 147 13.22 -31.02 -34.77
N TRP B 148 11.98 -30.76 -35.19
CA TRP B 148 10.80 -31.39 -34.59
C TRP B 148 10.91 -32.91 -34.42
N CYS B 149 10.73 -33.35 -33.18
CA CYS B 149 10.72 -34.76 -32.79
C CYS B 149 11.96 -35.54 -33.08
N THR B 150 13.08 -34.87 -33.27
CA THR B 150 14.31 -35.59 -33.60
C THR B 150 15.02 -36.14 -32.39
N THR B 151 14.86 -35.48 -31.24
CA THR B 151 15.47 -36.01 -30.01
C THR B 151 14.74 -35.54 -28.74
N GLY B 152 14.92 -36.30 -27.66
CA GLY B 152 14.36 -35.89 -26.39
C GLY B 152 12.85 -35.83 -26.40
N ALA B 153 12.24 -36.47 -27.38
CA ALA B 153 10.78 -36.47 -27.50
C ALA B 153 10.29 -37.88 -27.80
N SER B 154 9.00 -38.12 -27.63
CA SER B 154 8.43 -39.42 -27.93
C SER B 154 7.45 -39.35 -29.06
N THR B 155 7.40 -40.43 -29.85
CA THR B 155 6.43 -40.56 -30.91
C THR B 155 5.22 -41.36 -30.41
N ASP B 156 5.28 -41.74 -29.15
CA ASP B 156 4.19 -42.47 -28.51
C ASP B 156 3.26 -41.48 -27.81
N PRO B 157 2.00 -41.39 -28.28
CA PRO B 157 1.07 -40.43 -27.67
C PRO B 157 0.74 -40.70 -26.20
N CYS B 158 1.12 -41.87 -25.70
CA CYS B 158 0.87 -42.20 -24.30
C CYS B 158 1.97 -41.69 -23.40
N ASP B 159 2.98 -41.07 -24.01
CA ASP B 159 4.13 -40.55 -23.26
C ASP B 159 3.99 -39.07 -23.02
N GLU B 160 4.61 -38.58 -21.95
CA GLU B 160 4.39 -37.20 -21.55
C GLU B 160 5.20 -36.21 -22.40
N THR B 161 6.16 -36.72 -23.16
CA THR B 161 6.91 -35.88 -24.10
C THR B 161 6.50 -36.12 -25.55
N TYR B 162 5.30 -36.64 -25.76
CA TYR B 162 4.80 -36.86 -27.12
C TYR B 162 4.89 -35.59 -27.95
N CYS B 163 5.48 -35.69 -29.14
CA CYS B 163 5.77 -34.52 -29.93
C CYS B 163 4.61 -34.11 -30.84
N GLY B 164 3.57 -34.93 -30.88
CA GLY B 164 2.40 -34.59 -31.67
C GLY B 164 2.42 -35.29 -33.01
N SER B 165 1.34 -35.14 -33.77
CA SER B 165 1.25 -35.80 -35.07
C SER B 165 2.10 -35.06 -36.10
N ALA B 166 2.27 -33.76 -35.89
CA ALA B 166 3.17 -32.94 -36.71
C ALA B 166 3.50 -31.66 -35.98
N ALA B 167 4.49 -30.93 -36.47
CA ALA B 167 4.80 -29.63 -35.88
C ALA B 167 3.58 -28.73 -35.96
N GLU B 168 3.27 -28.06 -34.86
CA GLU B 168 2.11 -27.17 -34.76
C GLU B 168 0.79 -27.88 -35.01
N SER B 169 0.79 -29.19 -34.78
CA SER B 169 -0.46 -29.97 -34.83
C SER B 169 -1.45 -29.49 -33.78
N GLU B 170 -0.96 -28.93 -32.68
CA GLU B 170 -1.85 -28.45 -31.63
C GLU B 170 -2.32 -27.03 -31.90
N LYS B 171 -3.59 -26.75 -31.62
CA LYS B 171 -4.13 -25.42 -31.86
C LYS B 171 -3.37 -24.37 -31.06
N GLU B 172 -2.96 -24.73 -29.85
CA GLU B 172 -2.33 -23.78 -28.94
C GLU B 172 -0.97 -23.34 -29.43
N THR B 173 -0.16 -24.29 -29.89
CA THR B 173 1.17 -23.97 -30.39
C THR B 173 1.12 -23.31 -31.77
N LYS B 174 0.18 -23.74 -32.60
CA LYS B 174 -0.04 -23.10 -33.89
C LYS B 174 -0.44 -21.63 -33.68
N ALA B 175 -1.27 -21.37 -32.67
CA ALA B 175 -1.72 -20.03 -32.39
C ALA B 175 -0.55 -19.16 -31.91
N LEU B 176 0.29 -19.73 -31.06
CA LEU B 176 1.46 -19.03 -30.53
C LEU B 176 2.44 -18.78 -31.67
N ALA B 177 2.71 -19.81 -32.46
CA ALA B 177 3.64 -19.67 -33.57
C ALA B 177 3.16 -18.62 -34.54
N ASP B 178 1.87 -18.67 -34.87
CA ASP B 178 1.27 -17.69 -35.77
C ASP B 178 1.45 -16.28 -35.26
N PHE B 179 1.12 -16.05 -33.99
CA PHE B 179 1.20 -14.70 -33.46
C PHE B 179 2.61 -14.17 -33.52
N ILE B 180 3.58 -15.01 -33.19
CA ILE B 180 4.97 -14.58 -33.18
C ILE B 180 5.48 -14.30 -34.58
N ARG B 181 5.13 -15.16 -35.53
CA ARG B 181 5.47 -14.90 -36.93
C ARG B 181 4.87 -13.60 -37.42
N ASN B 182 3.67 -13.30 -36.95
CA ASN B 182 2.93 -12.12 -37.42
C ASN B 182 3.47 -10.86 -36.82
N ASN B 183 4.30 -11.00 -35.80
CA ASN B 183 4.77 -9.85 -35.03
C ASN B 183 6.26 -9.88 -34.86
N LEU B 184 6.93 -10.53 -35.80
CA LEU B 184 8.35 -10.83 -35.68
C LEU B 184 9.21 -9.57 -35.66
N SER B 185 8.80 -8.54 -36.40
CA SER B 185 9.62 -7.34 -36.55
C SER B 185 9.67 -6.49 -35.29
N SER B 186 8.77 -6.75 -34.35
CA SER B 186 8.75 -5.98 -33.13
C SER B 186 9.12 -6.75 -31.87
N ILE B 187 8.98 -8.07 -31.91
CA ILE B 187 9.33 -8.89 -30.76
C ILE B 187 10.85 -9.10 -30.69
N LYS B 188 11.47 -8.55 -29.65
CA LYS B 188 12.92 -8.53 -29.55
C LYS B 188 13.47 -9.59 -28.58
N ALA B 189 12.61 -10.11 -27.72
CA ALA B 189 13.01 -11.18 -26.80
C ALA B 189 11.87 -12.10 -26.54
N TYR B 190 12.19 -13.36 -26.29
CA TYR B 190 11.16 -14.34 -26.01
C TYR B 190 11.44 -15.06 -24.70
N LEU B 191 10.49 -14.98 -23.77
CA LEU B 191 10.67 -15.53 -22.43
C LEU B 191 9.55 -16.48 -22.11
N THR B 192 9.88 -17.72 -21.79
CA THR B 192 8.86 -18.73 -21.54
C THR B 192 9.05 -19.37 -20.14
N ILE B 193 7.99 -19.36 -19.34
CA ILE B 193 8.12 -19.57 -17.91
C ILE B 193 7.65 -20.98 -17.48
N HIS B 194 8.55 -21.71 -16.82
CA HIS B 194 8.32 -23.11 -16.46
C HIS B 194 8.68 -23.36 -14.99
N SER B 195 8.44 -24.59 -14.53
CA SER B 195 9.05 -25.10 -13.31
C SER B 195 9.16 -26.62 -13.46
N TYR B 196 9.94 -27.27 -12.61
CA TYR B 196 10.83 -26.62 -11.66
C TYR B 196 12.25 -27.07 -11.99
N SER B 197 13.24 -26.44 -11.36
CA SER B 197 14.66 -26.78 -11.52
C SER B 197 15.57 -25.61 -11.12
N GLN B 198 15.02 -24.40 -11.15
CA GLN B 198 15.78 -23.19 -10.88
C GLN B 198 16.93 -23.06 -11.87
N MET B 199 16.58 -22.85 -13.13
CA MET B 199 17.55 -22.65 -14.21
C MET B 199 17.12 -21.54 -15.10
N ILE B 200 18.08 -20.91 -15.76
CA ILE B 200 17.79 -20.11 -16.93
C ILE B 200 18.45 -20.74 -18.11
N LEU B 201 17.64 -21.22 -19.04
CA LEU B 201 18.13 -21.95 -20.19
C LEU B 201 17.98 -21.12 -21.48
N TYR B 202 18.92 -21.27 -22.39
CA TYR B 202 18.83 -20.64 -23.71
C TYR B 202 19.28 -21.66 -24.76
N PRO B 203 19.07 -21.36 -26.05
CA PRO B 203 19.32 -22.38 -27.08
C PRO B 203 20.77 -22.87 -27.11
N TYR B 204 21.01 -24.07 -27.64
CA TYR B 204 19.96 -24.94 -28.15
C TYR B 204 19.70 -26.16 -27.31
N SER B 205 18.48 -26.68 -27.43
CA SER B 205 18.12 -27.94 -26.81
C SER B 205 17.95 -29.06 -27.85
N TYR B 206 17.53 -28.71 -29.07
CA TYR B 206 17.21 -29.74 -30.06
C TYR B 206 18.42 -30.29 -30.75
N ASP B 207 19.56 -29.63 -30.56
CA ASP B 207 20.83 -30.16 -31.02
C ASP B 207 21.95 -29.52 -30.20
N TYR B 208 23.14 -30.11 -30.25
CA TYR B 208 24.25 -29.66 -29.41
C TYR B 208 24.98 -28.43 -29.96
N LYS B 209 24.57 -27.99 -31.15
CA LYS B 209 25.11 -26.78 -31.74
C LYS B 209 24.82 -25.59 -30.81
N LEU B 210 25.58 -24.52 -30.97
CA LEU B 210 25.42 -23.34 -30.12
C LEU B 210 24.99 -22.14 -30.94
N PRO B 211 24.15 -21.27 -30.35
CA PRO B 211 23.77 -20.04 -31.04
C PRO B 211 24.98 -19.14 -31.30
N GLU B 212 24.88 -18.30 -32.32
CA GLU B 212 25.99 -17.45 -32.71
C GLU B 212 26.32 -16.43 -31.62
N ASN B 213 25.31 -16.04 -30.84
CA ASN B 213 25.53 -15.11 -29.73
C ASN B 213 25.60 -15.83 -28.39
N ASN B 214 26.17 -17.03 -28.43
CA ASN B 214 26.32 -17.88 -27.25
C ASN B 214 27.01 -17.18 -26.06
N ALA B 215 28.10 -16.46 -26.34
CA ALA B 215 28.83 -15.79 -25.26
C ALA B 215 27.96 -14.74 -24.63
N GLU B 216 27.28 -13.97 -25.48
CA GLU B 216 26.41 -12.90 -24.98
C GLU B 216 25.28 -13.44 -24.13
N LEU B 217 24.65 -14.52 -24.58
CA LEU B 217 23.52 -15.11 -23.86
C LEU B 217 23.96 -15.66 -22.55
N ASN B 218 25.15 -16.25 -22.53
CA ASN B 218 25.65 -16.88 -21.32
C ASN B 218 25.90 -15.88 -20.20
N ASN B 219 26.52 -14.76 -20.52
CA ASN B 219 26.81 -13.77 -19.48
C ASN B 219 25.54 -13.04 -19.05
N LEU B 220 24.56 -12.94 -19.95
CA LEU B 220 23.29 -12.32 -19.58
C LEU B 220 22.56 -13.22 -18.59
N ALA B 221 22.56 -14.53 -18.87
CA ALA B 221 21.95 -15.49 -17.96
C ALA B 221 22.71 -15.50 -16.64
N LYS B 222 24.03 -15.44 -16.74
CA LYS B 222 24.90 -15.38 -15.57
C LYS B 222 24.53 -14.19 -14.67
N ALA B 223 24.42 -13.01 -15.27
CA ALA B 223 24.10 -11.80 -14.52
C ALA B 223 22.68 -11.86 -13.94
N ALA B 224 21.74 -12.40 -14.69
CA ALA B 224 20.36 -12.47 -14.25
C ALA B 224 20.19 -13.44 -13.10
N VAL B 225 20.92 -14.55 -13.15
CA VAL B 225 20.91 -15.52 -12.07
C VAL B 225 21.46 -14.90 -10.80
N LYS B 226 22.51 -14.10 -10.95
CA LYS B 226 23.08 -13.42 -9.79
C LYS B 226 22.13 -12.35 -9.24
N GLU B 227 21.49 -11.62 -10.14
CA GLU B 227 20.51 -10.62 -9.73
C GLU B 227 19.34 -11.29 -8.94
N LEU B 228 18.95 -12.49 -9.36
CA LEU B 228 17.82 -13.17 -8.73
C LEU B 228 18.15 -13.55 -7.31
N ALA B 229 19.38 -13.98 -7.10
CA ALA B 229 19.84 -14.49 -5.81
C ALA B 229 19.99 -13.39 -4.76
N THR B 230 20.08 -12.13 -5.20
CA THR B 230 20.32 -11.05 -4.26
C THR B 230 19.17 -10.89 -3.25
N LEU B 231 17.97 -11.32 -3.64
CA LEU B 231 16.81 -11.12 -2.79
C LEU B 231 16.73 -12.10 -1.64
N TYR B 232 16.81 -13.40 -1.94
CA TYR B 232 16.69 -14.43 -0.91
C TYR B 232 17.78 -15.47 -0.97
N GLY B 233 18.72 -15.32 -1.90
CA GLY B 233 19.82 -16.26 -1.99
C GLY B 233 19.48 -17.54 -2.74
N THR B 234 18.39 -17.51 -3.49
CA THR B 234 18.00 -18.68 -4.26
C THR B 234 18.99 -18.89 -5.40
N LYS B 235 19.50 -20.11 -5.51
CA LYS B 235 20.56 -20.40 -6.46
C LYS B 235 20.10 -21.06 -7.72
N TYR B 236 20.37 -20.41 -8.84
CA TYR B 236 20.02 -20.92 -10.15
C TYR B 236 21.25 -21.37 -10.88
N THR B 237 21.08 -22.29 -11.82
CA THR B 237 22.11 -22.60 -12.79
C THR B 237 21.66 -22.15 -14.15
N TYR B 238 22.54 -22.24 -15.14
CA TYR B 238 22.22 -21.67 -16.44
C TYR B 238 23.11 -22.21 -17.52
N GLY B 239 22.61 -22.14 -18.76
CA GLY B 239 23.41 -22.58 -19.89
C GLY B 239 22.54 -23.06 -21.04
N PRO B 240 23.15 -23.54 -22.11
CA PRO B 240 22.42 -24.11 -23.25
C PRO B 240 21.59 -25.29 -22.79
N GLY B 241 20.36 -25.38 -23.28
CA GLY B 241 19.44 -26.39 -22.79
C GLY B 241 19.95 -27.82 -22.89
N ALA B 242 20.58 -28.15 -24.02
CA ALA B 242 20.93 -29.55 -24.28
C ALA B 242 21.94 -30.11 -23.28
N THR B 243 22.90 -29.29 -22.87
CA THR B 243 23.94 -29.73 -21.95
C THR B 243 23.58 -29.43 -20.51
N THR B 244 22.71 -28.45 -20.31
CA THR B 244 22.39 -28.02 -18.96
C THR B 244 21.32 -28.88 -18.31
N ILE B 245 20.35 -29.36 -19.09
CA ILE B 245 19.37 -30.29 -18.54
C ILE B 245 19.24 -31.55 -19.36
N TYR B 246 18.92 -31.40 -20.65
CA TYR B 246 18.91 -32.53 -21.58
C TYR B 246 18.57 -32.06 -22.94
N PRO B 247 18.95 -32.84 -23.97
CA PRO B 247 18.55 -32.61 -25.36
C PRO B 247 17.05 -32.83 -25.50
N ALA B 248 16.39 -31.93 -26.23
CA ALA B 248 14.96 -32.06 -26.47
C ALA B 248 14.52 -31.16 -27.62
N ALA B 249 13.87 -31.76 -28.60
CA ALA B 249 13.48 -31.04 -29.81
C ALA B 249 12.09 -30.44 -29.71
N GLY B 250 11.82 -29.47 -30.59
CA GLY B 250 10.47 -28.95 -30.71
C GLY B 250 10.05 -27.96 -29.66
N GLY B 251 11.00 -27.39 -28.92
CA GLY B 251 10.66 -26.43 -27.89
C GLY B 251 10.54 -25.01 -28.43
N SER B 252 9.72 -24.19 -27.77
CA SER B 252 9.41 -22.86 -28.29
C SER B 252 10.57 -21.87 -28.20
N ASP B 253 11.45 -22.05 -27.22
CA ASP B 253 12.61 -21.16 -27.10
C ASP B 253 13.57 -21.30 -28.31
N ASP B 254 13.88 -22.53 -28.69
CA ASP B 254 14.69 -22.79 -29.88
C ASP B 254 14.01 -22.28 -31.14
N TRP B 255 12.70 -22.47 -31.23
CA TRP B 255 11.99 -22.07 -32.43
C TRP B 255 11.99 -20.58 -32.56
N ALA B 256 11.72 -19.88 -31.47
CA ALA B 256 11.67 -18.43 -31.49
C ALA B 256 13.04 -17.86 -31.87
N TYR B 257 14.09 -18.48 -31.34
CA TYR B 257 15.45 -18.04 -31.64
C TYR B 257 15.76 -18.21 -33.12
N ASP B 258 15.40 -19.37 -33.67
CA ASP B 258 15.63 -19.63 -35.09
C ASP B 258 14.80 -18.72 -36.00
N GLN B 259 13.80 -18.07 -35.44
CA GLN B 259 13.03 -17.08 -36.18
C GLN B 259 13.75 -15.73 -36.21
N GLY B 260 14.80 -15.59 -35.40
CA GLY B 260 15.57 -14.37 -35.41
C GLY B 260 15.50 -13.58 -34.12
N ILE B 261 14.72 -14.07 -33.16
CA ILE B 261 14.64 -13.42 -31.86
C ILE B 261 15.84 -13.81 -31.03
N LYS B 262 16.79 -12.89 -30.91
CA LYS B 262 18.14 -13.21 -30.45
C LYS B 262 18.24 -13.46 -28.97
N TYR B 263 17.25 -12.99 -28.22
CA TYR B 263 17.21 -13.23 -26.79
C TYR B 263 16.05 -14.12 -26.46
N SER B 264 16.35 -15.39 -26.21
CA SER B 264 15.33 -16.41 -26.01
C SER B 264 15.69 -17.28 -24.81
N PHE B 265 14.85 -17.27 -23.78
CA PHE B 265 15.16 -17.94 -22.53
C PHE B 265 14.00 -18.71 -21.98
N THR B 266 14.27 -19.91 -21.49
CA THR B 266 13.33 -20.66 -20.67
C THR B 266 13.67 -20.48 -19.17
N PHE B 267 12.69 -20.02 -18.40
CA PHE B 267 12.86 -19.88 -16.96
C PHE B 267 12.20 -21.04 -16.22
N GLU B 268 13.01 -21.86 -15.56
CA GLU B 268 12.50 -22.88 -14.65
C GLU B 268 12.60 -22.38 -13.22
N LEU B 269 11.46 -22.14 -12.58
CA LEU B 269 11.42 -21.54 -11.25
C LEU B 269 11.57 -22.58 -10.11
N ARG B 270 11.38 -22.14 -8.88
CA ARG B 270 11.45 -23.01 -7.71
C ARG B 270 10.55 -24.24 -7.84
N ASP B 271 10.93 -25.33 -7.17
CA ASP B 271 12.20 -25.41 -6.45
C ASP B 271 13.13 -26.36 -7.16
N LYS B 272 13.85 -27.17 -6.39
CA LYS B 272 14.73 -28.16 -6.99
C LYS B 272 14.29 -29.57 -6.70
N GLY B 273 13.09 -29.71 -6.14
CA GLY B 273 12.49 -31.02 -6.04
C GLY B 273 11.91 -31.39 -4.68
N ARG B 274 12.17 -30.58 -3.66
CA ARG B 274 11.62 -30.88 -2.34
C ARG B 274 10.09 -30.93 -2.43
N TYR B 275 9.51 -29.88 -3.00
CA TYR B 275 8.09 -29.88 -3.30
C TYR B 275 7.80 -30.11 -4.80
N GLY B 276 8.75 -29.75 -5.65
CA GLY B 276 8.59 -29.97 -7.07
C GLY B 276 7.47 -29.13 -7.68
N PHE B 277 6.54 -29.79 -8.37
CA PHE B 277 5.45 -29.10 -9.03
C PHE B 277 4.44 -28.57 -8.06
N ILE B 278 4.33 -29.21 -6.90
CA ILE B 278 3.35 -28.81 -5.91
C ILE B 278 3.95 -27.79 -4.94
N LEU B 279 4.43 -26.68 -5.49
CA LEU B 279 5.04 -25.62 -4.69
C LEU B 279 3.98 -24.97 -3.79
N PRO B 280 4.23 -24.92 -2.47
CA PRO B 280 3.22 -24.39 -1.54
C PRO B 280 2.94 -22.91 -1.74
N GLU B 281 1.67 -22.54 -1.59
CA GLU B 281 1.23 -21.19 -1.92
C GLU B 281 1.94 -20.15 -1.09
N SER B 282 2.50 -20.56 0.04
CA SER B 282 3.24 -19.64 0.90
C SER B 282 4.54 -19.20 0.24
N GLN B 283 4.97 -19.93 -0.78
CA GLN B 283 6.19 -19.57 -1.51
C GLN B 283 5.93 -18.77 -2.77
N ILE B 284 4.67 -18.56 -3.10
CA ILE B 284 4.32 -17.87 -4.34
C ILE B 284 4.93 -16.49 -4.40
N GLN B 285 4.77 -15.73 -3.33
CA GLN B 285 5.20 -14.33 -3.33
C GLN B 285 6.72 -14.19 -3.46
N ALA B 286 7.47 -14.94 -2.66
CA ALA B 286 8.92 -14.85 -2.69
C ALA B 286 9.48 -15.28 -4.05
N THR B 287 8.90 -16.35 -4.60
CA THR B 287 9.35 -16.89 -5.87
C THR B 287 9.14 -15.89 -6.98
N CYS B 288 7.99 -15.22 -6.96
CA CYS B 288 7.69 -14.23 -7.99
C CYS B 288 8.53 -12.98 -7.85
N GLU B 289 8.78 -12.55 -6.62
CA GLU B 289 9.57 -11.35 -6.37
C GLU B 289 11.00 -11.48 -6.88
N GLU B 290 11.64 -12.61 -6.60
CA GLU B 290 12.99 -12.84 -7.09
C GLU B 290 13.01 -13.00 -8.59
N THR B 291 12.01 -13.69 -9.13
CA THR B 291 11.96 -13.91 -10.58
C THR B 291 11.79 -12.58 -11.31
N MET B 292 11.01 -11.68 -10.75
CA MET B 292 10.83 -10.34 -11.32
C MET B 292 12.17 -9.67 -11.57
N LEU B 293 13.10 -9.79 -10.62
CA LEU B 293 14.40 -9.15 -10.76
C LEU B 293 15.17 -9.68 -11.96
N ALA B 294 15.08 -10.98 -12.19
CA ALA B 294 15.76 -11.60 -13.32
C ALA B 294 15.11 -11.18 -14.64
N ILE B 295 13.78 -11.16 -14.67
CA ILE B 295 13.05 -10.72 -15.86
C ILE B 295 13.34 -9.25 -16.17
N LYS B 296 13.30 -8.41 -15.14
CA LYS B 296 13.57 -6.99 -15.35
C LYS B 296 15.03 -6.75 -15.78
N TYR B 297 15.94 -7.58 -15.29
CA TYR B 297 17.34 -7.45 -15.67
C TYR B 297 17.54 -7.74 -17.17
N VAL B 298 16.90 -8.81 -17.62
CA VAL B 298 16.95 -9.18 -19.03
C VAL B 298 16.26 -8.09 -19.87
N THR B 299 15.14 -7.58 -19.36
CA THR B 299 14.40 -6.54 -20.07
C THR B 299 15.23 -5.29 -20.27
N ASN B 300 15.96 -4.90 -19.23
CA ASN B 300 16.80 -3.71 -19.31
C ASN B 300 17.91 -3.92 -20.33
N TYR B 301 18.51 -5.10 -20.33
CA TYR B 301 19.57 -5.40 -21.27
C TYR B 301 19.06 -5.32 -22.70
N VAL B 302 17.87 -5.86 -22.94
CA VAL B 302 17.29 -5.83 -24.28
C VAL B 302 16.99 -4.41 -24.70
N LEU B 303 16.43 -3.63 -23.79
CA LEU B 303 16.12 -2.23 -24.04
C LEU B 303 17.39 -1.51 -24.52
N GLY B 304 18.52 -1.87 -23.93
CA GLY B 304 19.76 -1.17 -24.22
C GLY B 304 20.53 -1.77 -25.38
N HIS B 305 19.86 -2.63 -26.16
CA HIS B 305 20.50 -3.24 -27.31
C HIS B 305 19.54 -3.35 -28.48
N LEU B 306 18.61 -2.42 -28.55
CA LEU B 306 17.74 -2.29 -29.72
C LEU B 306 18.45 -1.47 -30.80
N GLY C 3 -10.80 26.22 14.27
CA GLY C 3 -10.66 25.60 12.93
C GLY C 3 -11.23 24.20 12.89
N HIS C 4 -11.08 23.52 11.75
CA HIS C 4 -11.55 22.15 11.63
C HIS C 4 -10.57 21.18 12.26
N SER C 5 -11.09 20.10 12.82
CA SER C 5 -10.23 19.03 13.33
C SER C 5 -10.85 17.68 13.11
N TYR C 6 -10.04 16.75 12.66
CA TYR C 6 -10.49 15.38 12.46
C TYR C 6 -10.56 14.64 13.77
N GLU C 7 -10.07 15.27 14.83
CA GLU C 7 -10.00 14.63 16.13
C GLU C 7 -10.86 15.35 17.16
N LYS C 8 -11.68 16.27 16.67
CA LYS C 8 -12.68 16.92 17.52
C LYS C 8 -14.00 16.99 16.77
N TYR C 9 -15.07 17.31 17.49
CA TYR C 9 -16.37 17.51 16.86
C TYR C 9 -16.47 18.91 16.33
N ASN C 10 -16.88 19.02 15.06
CA ASN C 10 -16.98 20.31 14.39
C ASN C 10 -18.43 20.68 14.20
N ASN C 11 -18.75 21.96 14.40
CA ASN C 11 -20.11 22.43 14.15
C ASN C 11 -20.37 22.48 12.63
N TRP C 12 -21.63 22.73 12.25
CA TRP C 12 -22.01 22.63 10.85
C TRP C 12 -21.23 23.60 9.98
N GLU C 13 -21.07 24.82 10.47
CA GLU C 13 -20.32 25.85 9.77
C GLU C 13 -18.96 25.33 9.36
N THR C 14 -18.32 24.64 10.28
CA THR C 14 -16.96 24.16 10.07
C THR C 14 -16.94 22.96 9.13
N ILE C 15 -17.90 22.06 9.30
CA ILE C 15 -18.03 20.92 8.40
C ILE C 15 -18.34 21.39 6.98
N GLU C 16 -19.21 22.38 6.86
CA GLU C 16 -19.57 22.89 5.54
C GLU C 16 -18.35 23.46 4.82
N ALA C 17 -17.60 24.30 5.53
CA ALA C 17 -16.38 24.88 4.95
C ALA C 17 -15.36 23.78 4.67
N TRP C 18 -15.33 22.76 5.50
CA TRP C 18 -14.43 21.63 5.28
C TRP C 18 -14.74 20.86 3.95
N THR C 19 -16.02 20.69 3.64
CA THR C 19 -16.40 19.95 2.43
C THR C 19 -15.87 20.63 1.19
N LYS C 20 -15.78 21.95 1.24
CA LYS C 20 -15.24 22.71 0.12
C LYS C 20 -13.72 22.65 0.09
N GLN C 21 -13.09 22.84 1.24
CA GLN C 21 -11.63 22.89 1.31
C GLN C 21 -11.01 21.54 0.98
N VAL C 22 -11.56 20.46 1.52
CA VAL C 22 -11.04 19.13 1.28
C VAL C 22 -11.16 18.75 -0.20
N THR C 23 -12.18 19.29 -0.85
CA THR C 23 -12.37 19.09 -2.29
C THR C 23 -11.33 19.90 -3.04
N SER C 24 -11.20 21.17 -2.66
CA SER C 24 -10.28 22.08 -3.32
C SER C 24 -8.84 21.64 -3.17
N GLU C 25 -8.54 20.91 -2.09
CA GLU C 25 -7.20 20.43 -1.84
C GLU C 25 -6.89 19.07 -2.47
N ASN C 26 -7.93 18.40 -2.96
CA ASN C 26 -7.77 17.09 -3.59
C ASN C 26 -8.62 16.96 -4.86
N PRO C 27 -8.46 17.92 -5.79
CA PRO C 27 -9.37 18.09 -6.93
C PRO C 27 -9.47 16.88 -7.84
N ASP C 28 -8.44 16.03 -7.80
CA ASP C 28 -8.36 14.89 -8.71
C ASP C 28 -9.07 13.70 -8.19
N LEU C 29 -9.32 13.69 -6.88
CA LEU C 29 -9.90 12.52 -6.23
C LEU C 29 -11.29 12.83 -5.66
N ILE C 30 -11.64 14.11 -5.57
CA ILE C 30 -12.89 14.52 -4.95
C ILE C 30 -13.65 15.55 -5.76
N SER C 31 -14.92 15.27 -6.05
CA SER C 31 -15.83 16.27 -6.56
C SER C 31 -16.98 16.44 -5.62
N ARG C 32 -17.44 17.67 -5.44
CA ARG C 32 -18.53 17.94 -4.52
C ARG C 32 -19.74 18.44 -5.24
N THR C 33 -20.89 17.94 -4.82
CA THR C 33 -22.16 18.44 -5.34
C THR C 33 -23.15 18.58 -4.23
N ALA C 34 -24.26 19.26 -4.52
CA ALA C 34 -25.37 19.34 -3.60
C ALA C 34 -26.56 18.60 -4.22
N ILE C 35 -27.23 17.78 -3.41
CA ILE C 35 -28.32 16.96 -3.93
C ILE C 35 -29.66 17.47 -3.50
N GLY C 36 -29.65 18.62 -2.82
CA GLY C 36 -30.89 19.25 -2.40
C GLY C 36 -30.69 20.08 -1.15
N THR C 37 -31.76 20.74 -0.71
CA THR C 37 -31.71 21.56 0.48
C THR C 37 -32.55 20.96 1.59
N THR C 38 -32.21 21.30 2.83
CA THR C 38 -32.96 20.85 3.99
C THR C 38 -34.20 21.70 4.20
N PHE C 39 -34.98 21.36 5.22
CA PHE C 39 -36.17 22.14 5.56
C PHE C 39 -35.83 23.57 5.81
N LEU C 40 -34.71 23.80 6.50
CA LEU C 40 -34.28 25.16 6.80
C LEU C 40 -33.36 25.72 5.74
N GLY C 41 -33.29 25.03 4.61
CA GLY C 41 -32.67 25.60 3.42
C GLY C 41 -31.16 25.43 3.36
N ASN C 42 -30.61 24.52 4.15
CA ASN C 42 -29.18 24.28 4.13
C ASN C 42 -28.85 23.33 2.99
N ASN C 43 -27.64 23.40 2.47
CA ASN C 43 -27.22 22.58 1.34
C ASN C 43 -26.81 21.19 1.77
N ILE C 44 -27.39 20.18 1.13
CA ILE C 44 -27.02 18.81 1.42
C ILE C 44 -25.91 18.36 0.47
N TYR C 45 -24.68 18.37 0.97
CA TYR C 45 -23.52 18.09 0.13
C TYR C 45 -23.27 16.62 -0.02
N LEU C 46 -22.73 16.25 -1.18
CA LEU C 46 -22.26 14.90 -1.43
C LEU C 46 -20.86 14.97 -1.98
N LEU C 47 -19.98 14.11 -1.49
CA LEU C 47 -18.61 14.04 -1.97
C LEU C 47 -18.38 12.76 -2.76
N LYS C 48 -17.96 12.91 -4.00
CA LYS C 48 -17.63 11.78 -4.85
C LYS C 48 -16.14 11.51 -4.75
N VAL C 49 -15.78 10.44 -4.04
CA VAL C 49 -14.38 10.13 -3.78
C VAL C 49 -13.91 8.98 -4.63
N GLY C 50 -12.84 9.22 -5.39
CA GLY C 50 -12.34 8.21 -6.30
C GLY C 50 -11.66 8.86 -7.51
N LYS C 51 -10.81 8.08 -8.19
CA LYS C 51 -10.17 8.56 -9.40
C LYS C 51 -11.12 8.43 -10.53
N PRO C 52 -11.45 9.54 -11.19
CA PRO C 52 -12.47 9.53 -12.24
C PRO C 52 -12.20 8.48 -13.31
N GLY C 53 -13.27 7.84 -13.78
CA GLY C 53 -13.12 6.79 -14.76
C GLY C 53 -14.45 6.39 -15.36
N PRO C 54 -14.42 5.67 -16.48
CA PRO C 54 -15.61 5.17 -17.20
C PRO C 54 -16.34 4.04 -16.48
N ASN C 55 -17.64 4.20 -16.31
CA ASN C 55 -18.50 3.13 -15.80
C ASN C 55 -17.98 2.48 -14.54
N LYS C 56 -17.55 3.30 -13.59
CA LYS C 56 -17.09 2.78 -12.30
C LYS C 56 -18.28 2.43 -11.43
N PRO C 57 -18.20 1.28 -10.75
CA PRO C 57 -19.16 0.97 -9.68
C PRO C 57 -18.92 1.87 -8.47
N ALA C 58 -19.86 1.89 -7.54
CA ALA C 58 -19.77 2.82 -6.41
C ALA C 58 -20.33 2.25 -5.14
N ILE C 59 -19.86 2.79 -4.02
CA ILE C 59 -20.45 2.50 -2.73
C ILE C 59 -20.94 3.79 -2.10
N PHE C 60 -22.15 3.76 -1.54
CA PHE C 60 -22.75 4.97 -0.98
C PHE C 60 -22.73 4.92 0.53
N MET C 61 -22.14 5.95 1.13
CA MET C 61 -22.09 6.06 2.58
C MET C 61 -22.63 7.41 3.03
N ASP C 62 -23.50 7.40 4.03
CA ASP C 62 -23.94 8.66 4.63
C ASP C 62 -23.71 8.67 6.13
N CYS C 63 -23.67 9.88 6.70
CA CYS C 63 -23.54 10.05 8.14
C CYS C 63 -24.52 11.07 8.57
N GLY C 64 -24.85 11.07 9.85
CA GLY C 64 -25.62 12.16 10.42
C GLY C 64 -27.11 12.12 10.12
N PHE C 65 -27.66 10.93 9.96
CA PHE C 65 -29.10 10.75 9.92
C PHE C 65 -29.68 11.31 11.22
N HIS C 66 -29.05 10.94 12.33
CA HIS C 66 -29.55 11.35 13.63
C HIS C 66 -28.66 12.38 14.29
N ALA C 67 -29.25 13.51 14.66
CA ALA C 67 -28.51 14.72 14.97
C ALA C 67 -27.53 14.56 16.13
N ARG C 68 -27.94 13.84 17.18
CA ARG C 68 -27.15 13.75 18.41
C ARG C 68 -26.01 12.76 18.33
N GLU C 69 -25.96 11.99 17.24
CA GLU C 69 -24.93 10.96 17.09
C GLU C 69 -23.66 11.54 16.44
N TRP C 70 -22.98 12.41 17.19
CA TRP C 70 -21.88 13.20 16.66
C TRP C 70 -20.70 12.38 16.12
N ILE C 71 -20.49 11.19 16.68
CA ILE C 71 -19.38 10.34 16.24
C ILE C 71 -19.59 9.88 14.80
N SER C 72 -20.85 9.81 14.38
CA SER C 72 -21.18 9.46 13.00
C SER C 72 -20.65 10.53 12.03
N HIS C 73 -21.00 11.79 12.29
CA HIS C 73 -20.54 12.90 11.47
C HIS C 73 -19.02 12.91 11.43
N ALA C 74 -18.41 12.68 12.59
CA ALA C 74 -16.96 12.64 12.70
C ALA C 74 -16.33 11.63 11.73
N PHE C 75 -16.97 10.47 11.60
CA PHE C 75 -16.37 9.39 10.82
C PHE C 75 -16.31 9.65 9.33
N CYS C 76 -17.36 10.26 8.78
CA CYS C 76 -17.40 10.52 7.34
C CYS C 76 -16.27 11.44 6.93
N GLN C 77 -16.01 12.45 7.75
CA GLN C 77 -14.91 13.37 7.51
C GLN C 77 -13.59 12.64 7.58
N TRP C 78 -13.44 11.82 8.63
CA TRP C 78 -12.24 11.05 8.84
C TRP C 78 -12.03 10.13 7.64
N PHE C 79 -13.09 9.45 7.23
CA PHE C 79 -13.04 8.54 6.09
C PHE C 79 -12.52 9.24 4.85
N VAL C 80 -13.07 10.42 4.57
CA VAL C 80 -12.65 11.16 3.38
C VAL C 80 -11.17 11.49 3.45
N ARG C 81 -10.74 11.97 4.61
CA ARG C 81 -9.33 12.28 4.86
C ARG C 81 -8.44 11.08 4.56
N GLU C 82 -8.83 9.91 5.05
CA GLU C 82 -7.99 8.72 4.93
C GLU C 82 -7.94 8.23 3.54
N ALA C 83 -9.04 8.41 2.82
CA ALA C 83 -9.13 7.94 1.44
C ALA C 83 -8.16 8.70 0.54
N VAL C 84 -8.10 10.02 0.73
CA VAL C 84 -7.21 10.86 -0.07
C VAL C 84 -5.72 10.61 0.29
N LEU C 85 -5.45 10.46 1.58
CA LEU C 85 -4.10 10.33 2.10
C LEU C 85 -3.49 9.11 1.59
N THR C 86 -4.14 8.00 1.84
CA THR C 86 -3.55 6.68 1.66
C THR C 86 -3.56 6.33 0.23
N TYR C 87 -4.17 7.19 -0.58
CA TYR C 87 -4.26 6.94 -2.01
C TYR C 87 -2.89 7.07 -2.68
N GLY C 88 -2.40 5.95 -3.21
CA GLY C 88 -1.05 5.92 -3.75
C GLY C 88 -0.02 5.52 -2.71
N TYR C 89 -0.47 5.42 -1.46
CA TYR C 89 0.41 5.10 -0.35
C TYR C 89 -0.08 3.89 0.43
N GLU C 90 -1.21 3.33 -0.03
CA GLU C 90 -1.73 2.12 0.56
C GLU C 90 -2.30 1.23 -0.54
N SER C 91 -1.92 -0.04 -0.53
CA SER C 91 -2.23 -0.95 -1.64
C SER C 91 -3.72 -1.05 -1.88
N HIS C 92 -4.49 -1.20 -0.81
CA HIS C 92 -5.93 -1.41 -0.94
C HIS C 92 -6.69 -0.16 -1.34
N MET C 93 -6.43 0.95 -0.65
CA MET C 93 -7.15 2.18 -0.92
C MET C 93 -6.91 2.65 -2.33
N THR C 94 -5.66 2.53 -2.77
CA THR C 94 -5.30 2.89 -4.14
C THR C 94 -6.11 2.06 -5.13
N GLU C 95 -6.25 0.77 -4.85
CA GLU C 95 -7.08 -0.11 -5.68
C GLU C 95 -8.53 0.27 -5.55
N PHE C 96 -8.93 0.72 -4.36
CA PHE C 96 -10.31 1.07 -4.10
C PHE C 96 -10.76 2.26 -4.94
N LEU C 97 -9.97 3.33 -4.93
CA LEU C 97 -10.37 4.55 -5.61
C LEU C 97 -10.23 4.49 -7.11
N ASN C 98 -9.38 3.58 -7.59
CA ASN C 98 -9.25 3.36 -9.03
C ASN C 98 -10.38 2.51 -9.53
N LYS C 99 -10.84 1.61 -8.69
CA LYS C 99 -11.85 0.63 -9.09
C LYS C 99 -13.24 1.17 -8.96
N LEU C 100 -13.54 1.79 -7.82
CA LEU C 100 -14.88 2.32 -7.58
C LEU C 100 -14.86 3.73 -7.04
N ASP C 101 -16.04 4.34 -6.97
CA ASP C 101 -16.20 5.64 -6.34
C ASP C 101 -16.90 5.51 -5.00
N PHE C 102 -16.56 6.38 -4.07
CA PHE C 102 -17.31 6.52 -2.82
C PHE C 102 -18.14 7.77 -2.84
N TYR C 103 -19.46 7.61 -2.73
CA TYR C 103 -20.34 8.74 -2.48
C TYR C 103 -20.52 8.92 -1.00
N VAL C 104 -19.82 9.89 -0.43
CA VAL C 104 -19.92 10.18 0.99
C VAL C 104 -20.83 11.39 1.24
N LEU C 105 -21.95 11.15 1.92
CA LEU C 105 -22.82 12.24 2.36
C LEU C 105 -22.49 12.48 3.81
N PRO C 106 -21.73 13.54 4.10
CA PRO C 106 -21.18 13.78 5.44
C PRO C 106 -22.22 14.05 6.51
N VAL C 107 -23.20 14.91 6.21
CA VAL C 107 -24.30 15.17 7.13
C VAL C 107 -25.62 15.23 6.38
N LEU C 108 -26.51 14.28 6.66
CA LEU C 108 -27.83 14.29 6.02
C LEU C 108 -28.79 15.21 6.76
N ASN C 109 -28.98 14.96 8.05
CA ASN C 109 -29.91 15.75 8.87
C ASN C 109 -29.20 16.97 9.44
N ILE C 110 -28.90 17.93 8.55
CA ILE C 110 -28.13 19.10 8.88
C ILE C 110 -28.84 20.01 9.88
N ASP C 111 -30.13 20.25 9.65
CA ASP C 111 -30.89 21.17 10.49
C ASP C 111 -30.88 20.68 11.93
N GLY C 112 -31.07 19.39 12.13
CA GLY C 112 -31.09 18.83 13.46
C GLY C 112 -29.72 18.89 14.12
N TYR C 113 -28.67 18.76 13.32
CA TYR C 113 -27.30 18.78 13.85
C TYR C 113 -26.96 20.17 14.39
N ILE C 114 -27.34 21.20 13.65
CA ILE C 114 -27.18 22.56 14.14
C ILE C 114 -27.92 22.73 15.45
N TYR C 115 -29.11 22.13 15.54
CA TYR C 115 -29.93 22.28 16.74
C TYR C 115 -29.26 21.65 17.97
N THR C 116 -28.49 20.58 17.77
CA THR C 116 -27.79 19.94 18.89
C THR C 116 -26.66 20.82 19.40
N TRP C 117 -26.13 21.67 18.53
CA TRP C 117 -25.09 22.61 18.93
C TRP C 117 -25.64 23.88 19.56
N THR C 118 -26.78 24.36 19.06
CA THR C 118 -27.33 25.65 19.46
C THR C 118 -28.34 25.55 20.61
N LYS C 119 -28.97 24.38 20.76
CA LYS C 119 -30.07 24.25 21.71
C LYS C 119 -30.05 22.99 22.51
N ASN C 120 -30.28 21.87 21.83
CA ASN C 120 -30.60 20.62 22.53
C ASN C 120 -29.70 19.49 22.09
N ARG C 121 -28.71 19.19 22.91
CA ARG C 121 -27.71 18.18 22.58
C ARG C 121 -28.31 16.83 22.26
N MET C 122 -29.53 16.58 22.74
CA MET C 122 -30.16 15.28 22.61
C MET C 122 -31.24 15.20 21.51
N TRP C 123 -31.26 16.17 20.61
CA TRP C 123 -32.20 16.14 19.50
C TRP C 123 -31.85 15.00 18.54
N ARG C 124 -32.88 14.38 17.96
CA ARG C 124 -32.69 13.23 17.08
C ARG C 124 -33.18 13.53 15.68
N LYS C 125 -34.40 14.05 15.58
CA LYS C 125 -35.12 14.13 14.31
C LYS C 125 -34.71 15.34 13.45
N THR C 126 -35.45 15.55 12.36
CA THR C 126 -35.31 16.78 11.58
C THR C 126 -35.95 17.93 12.37
N ARG C 127 -35.94 19.13 11.79
CA ARG C 127 -36.56 20.29 12.42
C ARG C 127 -37.76 20.83 11.62
N SER C 128 -38.37 19.98 10.80
CA SER C 128 -39.54 20.40 10.04
C SER C 128 -40.78 20.55 10.95
N THR C 129 -41.67 21.45 10.59
CA THR C 129 -42.90 21.62 11.35
C THR C 129 -43.93 20.58 10.97
N ASN C 130 -44.88 20.35 11.88
CA ASN C 130 -46.00 19.47 11.62
C ASN C 130 -47.29 20.23 11.88
N ALA C 131 -48.22 20.11 10.94
CA ALA C 131 -49.47 20.87 11.01
C ALA C 131 -50.29 20.44 12.21
N GLY C 132 -50.87 21.43 12.89
CA GLY C 132 -51.81 21.14 13.96
C GLY C 132 -51.18 20.94 15.32
N THR C 133 -49.86 21.01 15.38
CA THR C 133 -49.14 20.68 16.60
C THR C 133 -47.89 21.50 16.76
N THR C 134 -47.45 21.66 18.01
CA THR C 134 -46.21 22.36 18.32
C THR C 134 -45.00 21.42 18.22
N CYS C 135 -45.25 20.11 18.14
CA CYS C 135 -44.16 19.16 18.06
C CYS C 135 -43.41 19.23 16.70
N ILE C 136 -42.07 19.19 16.79
CA ILE C 136 -41.21 19.39 15.62
C ILE C 136 -40.52 18.10 15.17
N GLY C 137 -40.41 17.93 13.86
CA GLY C 137 -39.42 17.01 13.32
C GLY C 137 -39.87 15.61 12.98
N THR C 138 -39.18 15.00 12.03
CA THR C 138 -39.44 13.61 11.64
C THR C 138 -38.17 12.81 11.81
N ASP C 139 -38.30 11.54 12.18
CA ASP C 139 -37.14 10.65 12.26
C ASP C 139 -36.82 10.20 10.86
N PRO C 140 -35.71 10.70 10.29
CA PRO C 140 -35.38 10.39 8.89
C PRO C 140 -35.25 8.90 8.62
N ASN C 141 -34.86 8.13 9.64
CA ASN C 141 -34.75 6.69 9.46
C ASN C 141 -36.08 5.97 9.78
N ARG C 142 -37.18 6.72 9.76
CA ARG C 142 -38.50 6.11 9.76
C ARG C 142 -39.29 6.65 8.57
N ASN C 143 -38.62 7.42 7.73
CA ASN C 143 -39.29 8.19 6.68
C ASN C 143 -39.10 7.58 5.26
N PHE C 144 -38.53 6.38 5.18
CA PHE C 144 -38.31 5.75 3.88
C PHE C 144 -39.38 4.78 3.52
N ASP C 145 -39.54 4.55 2.22
CA ASP C 145 -40.60 3.69 1.71
C ASP C 145 -40.23 2.21 1.85
N ALA C 146 -40.02 1.76 3.08
CA ALA C 146 -39.76 0.36 3.35
C ALA C 146 -40.62 -0.10 4.51
N GLY C 147 -41.74 -0.73 4.19
CA GLY C 147 -42.71 -1.06 5.21
C GLY C 147 -43.07 0.16 6.02
N TRP C 148 -43.19 1.30 5.34
CA TRP C 148 -43.29 2.60 6.01
C TRP C 148 -44.38 2.67 7.11
N CYS C 149 -43.96 3.16 8.28
CA CYS C 149 -44.81 3.38 9.44
C CYS C 149 -45.56 2.19 9.93
N THR C 150 -44.94 1.01 9.84
CA THR C 150 -45.43 -0.14 10.59
C THR C 150 -44.73 -0.18 11.95
N THR C 151 -44.60 -1.38 12.50
CA THR C 151 -44.02 -1.56 13.83
C THR C 151 -42.68 -0.79 14.00
N GLY C 152 -42.46 -0.24 15.18
CA GLY C 152 -41.18 0.37 15.48
C GLY C 152 -41.07 1.83 15.06
N ALA C 153 -42.12 2.34 14.43
CA ALA C 153 -42.21 3.75 14.08
C ALA C 153 -43.51 4.31 14.65
N SER C 154 -43.57 5.62 14.82
CA SER C 154 -44.75 6.26 15.41
C SER C 154 -45.48 7.11 14.44
N THR C 155 -46.81 7.15 14.58
CA THR C 155 -47.64 8.07 13.81
C THR C 155 -47.82 9.38 14.56
N ASP C 156 -47.25 9.47 15.75
CA ASP C 156 -47.38 10.65 16.59
C ASP C 156 -46.18 11.58 16.35
N PRO C 157 -46.43 12.79 15.85
CA PRO C 157 -45.36 13.73 15.48
C PRO C 157 -44.53 14.20 16.66
N CYS C 158 -45.04 13.97 17.87
CA CYS C 158 -44.32 14.28 19.10
C CYS C 158 -43.34 13.20 19.51
N ASP C 159 -43.33 12.08 18.79
CA ASP C 159 -42.44 10.98 19.14
C ASP C 159 -41.14 11.03 18.33
N GLU C 160 -40.05 10.59 18.95
CA GLU C 160 -38.74 10.70 18.32
C GLU C 160 -38.58 9.68 17.17
N THR C 161 -39.54 8.78 17.04
CA THR C 161 -39.57 7.82 15.94
C THR C 161 -40.70 8.11 14.97
N TYR C 162 -41.22 9.34 15.02
CA TYR C 162 -42.29 9.75 14.12
C TYR C 162 -41.93 9.46 12.68
N CYS C 163 -42.85 8.87 11.93
CA CYS C 163 -42.52 8.38 10.60
C CYS C 163 -42.73 9.42 9.53
N GLY C 164 -43.28 10.56 9.90
CA GLY C 164 -43.53 11.61 8.94
C GLY C 164 -44.94 11.53 8.41
N SER C 165 -45.38 12.59 7.74
CA SER C 165 -46.74 12.66 7.21
C SER C 165 -46.90 11.71 6.05
N ALA C 166 -45.80 11.46 5.35
CA ALA C 166 -45.77 10.52 4.24
C ALA C 166 -44.37 9.96 4.08
N ALA C 167 -44.25 8.82 3.42
CA ALA C 167 -42.93 8.28 3.08
C ALA C 167 -42.17 9.30 2.22
N GLU C 168 -40.93 9.59 2.61
CA GLU C 168 -40.11 10.61 1.96
C GLU C 168 -40.74 12.01 2.03
N SER C 169 -41.49 12.28 3.09
CA SER C 169 -42.06 13.60 3.30
C SER C 169 -40.99 14.65 3.58
N GLU C 170 -39.85 14.21 4.12
CA GLU C 170 -38.78 15.15 4.47
C GLU C 170 -37.95 15.45 3.25
N LYS C 171 -37.60 16.72 3.08
CA LYS C 171 -36.78 17.11 1.92
C LYS C 171 -35.46 16.34 1.89
N GLU C 172 -34.88 16.09 3.05
CA GLU C 172 -33.57 15.45 3.14
C GLU C 172 -33.61 13.99 2.66
N THR C 173 -34.65 13.26 3.07
CA THR C 173 -34.76 11.86 2.70
C THR C 173 -35.17 11.74 1.25
N LYS C 174 -36.03 12.64 0.79
CA LYS C 174 -36.37 12.70 -0.62
C LYS C 174 -35.12 12.95 -1.47
N ALA C 175 -34.24 13.83 -1.01
CA ALA C 175 -33.02 14.14 -1.74
C ALA C 175 -32.11 12.93 -1.83
N LEU C 176 -31.98 12.19 -0.73
CA LEU C 176 -31.14 11.00 -0.70
C LEU C 176 -31.74 9.90 -1.58
N ALA C 177 -33.04 9.65 -1.41
CA ALA C 177 -33.70 8.61 -2.17
C ALA C 177 -33.68 8.91 -3.68
N ASP C 178 -33.88 10.18 -4.03
CA ASP C 178 -33.80 10.61 -5.42
C ASP C 178 -32.44 10.33 -6.02
N PHE C 179 -31.38 10.63 -5.28
CA PHE C 179 -30.05 10.41 -5.80
C PHE C 179 -29.75 8.93 -6.04
N ILE C 180 -30.16 8.09 -5.10
CA ILE C 180 -29.86 6.66 -5.21
C ILE C 180 -30.66 6.02 -6.33
N ARG C 181 -31.88 6.49 -6.54
CA ARG C 181 -32.69 6.05 -7.68
C ARG C 181 -32.07 6.41 -8.99
N ASN C 182 -31.43 7.57 -9.04
CA ASN C 182 -30.85 8.06 -10.29
C ASN C 182 -29.50 7.44 -10.59
N ASN C 183 -28.96 6.70 -9.63
CA ASN C 183 -27.64 6.10 -9.79
C ASN C 183 -27.63 4.63 -9.44
N LEU C 184 -28.73 3.94 -9.71
CA LEU C 184 -28.91 2.57 -9.28
C LEU C 184 -27.96 1.62 -9.99
N SER C 185 -27.55 1.98 -11.20
CA SER C 185 -26.71 1.10 -12.00
C SER C 185 -25.27 0.99 -11.43
N SER C 186 -24.84 1.99 -10.68
CA SER C 186 -23.47 2.01 -10.16
C SER C 186 -23.37 1.59 -8.68
N ILE C 187 -24.36 1.95 -7.88
CA ILE C 187 -24.30 1.73 -6.44
C ILE C 187 -24.45 0.25 -6.08
N LYS C 188 -23.38 -0.36 -5.60
CA LYS C 188 -23.39 -1.78 -5.29
C LYS C 188 -23.48 -2.03 -3.80
N ALA C 189 -23.28 -1.00 -3.00
CA ALA C 189 -23.36 -1.13 -1.56
C ALA C 189 -23.83 0.15 -0.91
N TYR C 190 -24.58 0.00 0.18
CA TYR C 190 -25.08 1.14 0.93
C TYR C 190 -24.69 1.00 2.38
N LEU C 191 -24.04 2.03 2.91
CA LEU C 191 -23.58 2.03 4.29
C LEU C 191 -24.03 3.32 5.00
N THR C 192 -24.76 3.16 6.11
CA THR C 192 -25.28 4.30 6.82
C THR C 192 -24.75 4.30 8.25
N ILE C 193 -24.12 5.40 8.65
CA ILE C 193 -23.35 5.42 9.89
C ILE C 193 -24.14 6.04 11.04
N HIS C 194 -24.24 5.32 12.15
CA HIS C 194 -25.00 5.76 13.32
C HIS C 194 -24.20 5.56 14.61
N SER C 195 -24.81 5.92 15.73
CA SER C 195 -24.35 5.50 17.06
C SER C 195 -25.54 5.55 18.04
N TYR C 196 -25.41 4.95 19.22
CA TYR C 196 -24.30 4.07 19.58
C TYR C 196 -24.89 2.69 19.84
N SER C 197 -24.04 1.67 19.81
CA SER C 197 -24.44 0.30 20.15
C SER C 197 -23.35 -0.70 19.84
N GLN C 198 -22.46 -0.34 18.93
CA GLN C 198 -21.43 -1.26 18.46
C GLN C 198 -22.05 -2.50 17.84
N MET C 199 -22.75 -2.27 16.73
CA MET C 199 -23.37 -3.33 15.95
C MET C 199 -23.16 -3.08 14.48
N ILE C 200 -23.07 -4.15 13.71
CA ILE C 200 -23.26 -4.04 12.27
C ILE C 200 -24.59 -4.69 11.95
N LEU C 201 -25.53 -3.88 11.48
CA LEU C 201 -26.88 -4.36 11.20
C LEU C 201 -27.14 -4.41 9.70
N TYR C 202 -27.85 -5.46 9.27
CA TYR C 202 -28.32 -5.54 7.89
C TYR C 202 -29.81 -5.93 7.89
N PRO C 203 -30.46 -5.84 6.72
CA PRO C 203 -31.92 -6.08 6.65
C PRO C 203 -32.31 -7.46 7.19
N TYR C 204 -33.56 -7.60 7.65
CA TYR C 204 -34.54 -6.53 7.62
C TYR C 204 -34.89 -6.03 9.01
N SER C 205 -35.41 -4.82 9.09
CA SER C 205 -35.94 -4.28 10.35
C SER C 205 -37.45 -4.10 10.29
N TYR C 206 -37.98 -3.75 9.13
CA TYR C 206 -39.42 -3.50 9.02
C TYR C 206 -40.22 -4.81 8.99
N ASP C 207 -39.50 -5.92 9.07
CA ASP C 207 -40.13 -7.23 9.10
C ASP C 207 -39.12 -8.27 9.60
N TYR C 208 -39.61 -9.42 10.07
CA TYR C 208 -38.75 -10.47 10.58
C TYR C 208 -38.26 -11.42 9.52
N LYS C 209 -38.80 -11.30 8.31
CA LYS C 209 -38.32 -12.09 7.19
C LYS C 209 -36.84 -11.81 7.01
N LEU C 210 -36.12 -12.78 6.45
CA LEU C 210 -34.69 -12.62 6.21
C LEU C 210 -34.42 -12.36 4.77
N PRO C 211 -33.37 -11.58 4.47
CA PRO C 211 -32.97 -11.32 3.08
C PRO C 211 -32.49 -12.58 2.38
N GLU C 212 -32.61 -12.60 1.06
CA GLU C 212 -32.29 -13.80 0.30
C GLU C 212 -30.83 -14.17 0.44
N ASN C 213 -29.98 -13.18 0.65
CA ASN C 213 -28.57 -13.46 0.87
C ASN C 213 -28.17 -13.30 2.34
N ASN C 214 -29.05 -13.74 3.24
CA ASN C 214 -28.85 -13.63 4.68
C ASN C 214 -27.57 -14.34 5.15
N ALA C 215 -27.29 -15.50 4.58
CA ALA C 215 -26.14 -16.28 4.99
C ALA C 215 -24.87 -15.54 4.64
N GLU C 216 -24.83 -15.00 3.43
CA GLU C 216 -23.67 -14.25 2.97
C GLU C 216 -23.47 -13.01 3.86
N LEU C 217 -24.53 -12.24 4.05
CA LEU C 217 -24.45 -11.01 4.83
C LEU C 217 -24.03 -11.26 6.24
N ASN C 218 -24.53 -12.35 6.83
CA ASN C 218 -24.17 -12.69 8.19
C ASN C 218 -22.69 -13.00 8.25
N ASN C 219 -22.21 -13.74 7.26
CA ASN C 219 -20.79 -14.11 7.21
C ASN C 219 -19.90 -12.91 6.99
N LEU C 220 -20.39 -11.94 6.25
CA LEU C 220 -19.64 -10.72 5.96
C LEU C 220 -19.61 -9.79 7.20
N ALA C 221 -20.75 -9.65 7.88
CA ALA C 221 -20.81 -8.85 9.10
C ALA C 221 -19.85 -9.45 10.11
N LYS C 222 -19.82 -10.78 10.15
CA LYS C 222 -19.04 -11.51 11.13
C LYS C 222 -17.57 -11.25 10.96
N ALA C 223 -17.10 -11.32 9.72
CA ALA C 223 -15.70 -11.07 9.42
C ALA C 223 -15.34 -9.63 9.72
N ALA C 224 -16.22 -8.71 9.35
CA ALA C 224 -15.97 -7.29 9.53
C ALA C 224 -15.87 -6.93 10.98
N VAL C 225 -16.69 -7.58 11.81
CA VAL C 225 -16.61 -7.37 13.25
C VAL C 225 -15.25 -7.85 13.79
N LYS C 226 -14.74 -8.94 13.20
CA LYS C 226 -13.45 -9.49 13.62
C LYS C 226 -12.30 -8.51 13.26
N GLU C 227 -12.32 -7.99 12.04
CA GLU C 227 -11.33 -7.01 11.61
C GLU C 227 -11.31 -5.81 12.51
N LEU C 228 -12.49 -5.26 12.80
CA LEU C 228 -12.57 -4.06 13.62
C LEU C 228 -11.96 -4.31 14.98
N ALA C 229 -12.10 -5.52 15.49
CA ALA C 229 -11.68 -5.83 16.85
C ALA C 229 -10.16 -5.96 16.99
N THR C 230 -9.47 -6.16 15.87
CA THR C 230 -8.03 -6.41 15.90
C THR C 230 -7.24 -5.27 16.52
N LEU C 231 -7.70 -4.04 16.32
CA LEU C 231 -6.97 -2.88 16.79
C LEU C 231 -7.01 -2.72 18.29
N TYR C 232 -8.22 -2.60 18.83
CA TYR C 232 -8.38 -2.22 20.23
C TYR C 232 -9.20 -3.19 21.03
N GLY C 233 -9.64 -4.27 20.38
CA GLY C 233 -10.42 -5.28 21.10
C GLY C 233 -11.88 -4.89 21.25
N THR C 234 -12.26 -3.79 20.62
CA THR C 234 -13.65 -3.33 20.65
C THR C 234 -14.59 -4.40 20.10
N LYS C 235 -15.64 -4.70 20.87
CA LYS C 235 -16.54 -5.79 20.52
C LYS C 235 -17.85 -5.31 19.91
N TYR C 236 -18.17 -5.84 18.73
CA TYR C 236 -19.43 -5.54 18.05
C TYR C 236 -20.29 -6.77 17.99
N THR C 237 -21.61 -6.58 17.96
CA THR C 237 -22.53 -7.65 17.61
C THR C 237 -23.08 -7.38 16.22
N TYR C 238 -23.80 -8.35 15.65
CA TYR C 238 -24.22 -8.25 14.26
C TYR C 238 -25.40 -9.19 13.97
N GLY C 239 -26.08 -8.94 12.87
CA GLY C 239 -27.24 -9.75 12.51
C GLY C 239 -28.35 -8.90 11.92
N PRO C 240 -29.49 -9.52 11.55
CA PRO C 240 -30.65 -8.79 11.02
C PRO C 240 -31.17 -7.77 12.02
N GLY C 241 -31.54 -6.59 11.52
CA GLY C 241 -31.94 -5.50 12.40
C GLY C 241 -33.07 -5.86 13.34
N ALA C 242 -34.11 -6.49 12.82
CA ALA C 242 -35.30 -6.77 13.60
C ALA C 242 -34.99 -7.54 14.88
N THR C 243 -34.12 -8.53 14.76
CA THR C 243 -33.84 -9.41 15.89
C THR C 243 -32.59 -9.01 16.65
N THR C 244 -31.78 -8.13 16.06
CA THR C 244 -30.51 -7.77 16.67
C THR C 244 -30.60 -6.52 17.52
N ILE C 245 -31.48 -5.59 17.13
CA ILE C 245 -31.75 -4.42 17.95
C ILE C 245 -33.27 -4.27 18.27
N TYR C 246 -34.09 -4.19 17.23
CA TYR C 246 -35.54 -4.15 17.36
C TYR C 246 -36.19 -4.01 16.01
N PRO C 247 -37.47 -4.41 15.90
CA PRO C 247 -38.24 -4.10 14.69
C PRO C 247 -38.39 -2.59 14.55
N ALA C 248 -38.11 -2.10 13.34
CA ALA C 248 -38.26 -0.68 13.06
C ALA C 248 -38.52 -0.49 11.59
N ALA C 249 -39.62 0.21 11.28
CA ALA C 249 -40.05 0.37 9.91
C ALA C 249 -39.46 1.61 9.28
N GLY C 250 -39.36 1.59 7.95
CA GLY C 250 -39.05 2.80 7.22
C GLY C 250 -37.60 3.23 7.25
N GLY C 251 -36.70 2.29 7.51
CA GLY C 251 -35.29 2.61 7.54
C GLY C 251 -34.68 2.61 6.14
N SER C 252 -33.56 3.31 5.99
CA SER C 252 -32.94 3.49 4.68
C SER C 252 -32.11 2.29 4.24
N ASP C 253 -31.64 1.52 5.20
CA ASP C 253 -30.86 0.32 4.86
C ASP C 253 -31.76 -0.72 4.24
N ASP C 254 -32.95 -0.91 4.82
CA ASP C 254 -33.93 -1.80 4.23
C ASP C 254 -34.41 -1.27 2.88
N TRP C 255 -34.61 0.04 2.78
CA TRP C 255 -35.08 0.63 1.53
C TRP C 255 -34.06 0.44 0.42
N ALA C 256 -32.80 0.75 0.72
CA ALA C 256 -31.72 0.59 -0.25
C ALA C 256 -31.65 -0.87 -0.73
N TYR C 257 -31.81 -1.80 0.20
CA TYR C 257 -31.72 -3.21 -0.15
C TYR C 257 -32.86 -3.61 -1.10
N ASP C 258 -34.06 -3.10 -0.82
CA ASP C 258 -35.20 -3.43 -1.66
C ASP C 258 -35.15 -2.72 -3.00
N GLN C 259 -34.17 -1.85 -3.17
CA GLN C 259 -33.89 -1.25 -4.48
C GLN C 259 -32.94 -2.15 -5.28
N GLY C 260 -32.44 -3.22 -4.65
CA GLY C 260 -31.54 -4.13 -5.35
C GLY C 260 -30.08 -4.01 -4.91
N ILE C 261 -29.81 -3.12 -3.97
CA ILE C 261 -28.46 -2.97 -3.43
C ILE C 261 -28.22 -4.06 -2.39
N LYS C 262 -27.49 -5.10 -2.80
CA LYS C 262 -27.45 -6.35 -2.07
C LYS C 262 -26.67 -6.30 -0.79
N TYR C 263 -25.72 -5.38 -0.73
CA TYR C 263 -24.92 -5.19 0.49
C TYR C 263 -25.28 -3.88 1.14
N SER C 264 -26.00 -3.97 2.27
CA SER C 264 -26.58 -2.80 2.91
C SER C 264 -26.50 -2.96 4.41
N PHE C 265 -25.75 -2.07 5.06
CA PHE C 265 -25.52 -2.19 6.50
C PHE C 265 -25.72 -0.88 7.21
N THR C 266 -26.31 -0.95 8.39
CA THR C 266 -26.22 0.14 9.35
C THR C 266 -25.09 -0.14 10.31
N PHE C 267 -24.19 0.83 10.45
CA PHE C 267 -23.12 0.76 11.45
C PHE C 267 -23.47 1.59 12.71
N GLU C 268 -23.55 0.93 13.85
CA GLU C 268 -23.67 1.61 15.13
C GLU C 268 -22.34 1.60 15.83
N LEU C 269 -21.72 2.77 15.95
CA LEU C 269 -20.36 2.85 16.50
C LEU C 269 -20.35 2.93 18.02
N ARG C 270 -19.20 3.30 18.58
CA ARG C 270 -19.01 3.43 20.02
C ARG C 270 -20.00 4.43 20.65
N ASP C 271 -20.34 4.21 21.92
CA ASP C 271 -19.91 3.02 22.64
C ASP C 271 -21.12 2.17 22.96
N LYS C 272 -21.19 1.64 24.17
CA LYS C 272 -22.33 0.80 24.52
C LYS C 272 -23.15 1.36 25.65
N GLY C 273 -22.87 2.61 26.01
CA GLY C 273 -23.75 3.30 26.94
C GLY C 273 -23.05 4.03 28.06
N ARG C 274 -21.74 3.84 28.22
CA ARG C 274 -21.01 4.56 29.25
C ARG C 274 -21.11 6.06 28.99
N TYR C 275 -20.79 6.46 27.77
CA TYR C 275 -20.94 7.85 27.37
C TYR C 275 -22.08 8.04 26.38
N GLY C 276 -22.49 6.95 25.75
CA GLY C 276 -23.60 7.01 24.81
C GLY C 276 -23.34 7.96 23.65
N PHE C 277 -24.25 8.89 23.44
CA PHE C 277 -24.14 9.84 22.33
C PHE C 277 -23.02 10.81 22.55
N ILE C 278 -22.74 11.09 23.82
CA ILE C 278 -21.73 12.09 24.17
C ILE C 278 -20.37 11.43 24.29
N LEU C 279 -19.93 10.78 23.21
CA LEU C 279 -18.63 10.12 23.22
C LEU C 279 -17.54 11.18 23.30
N PRO C 280 -16.60 11.02 24.24
CA PRO C 280 -15.52 12.00 24.39
C PRO C 280 -14.67 12.14 23.13
N GLU C 281 -14.16 13.35 22.90
CA GLU C 281 -13.39 13.64 21.69
C GLU C 281 -12.09 12.85 21.63
N SER C 282 -11.57 12.45 22.80
CA SER C 282 -10.34 11.66 22.86
C SER C 282 -10.54 10.20 22.41
N GLN C 283 -11.79 9.83 22.07
CA GLN C 283 -12.05 8.52 21.50
C GLN C 283 -12.32 8.60 19.99
N ILE C 284 -12.41 9.82 19.47
CA ILE C 284 -12.76 10.02 18.07
C ILE C 284 -11.82 9.28 17.15
N GLN C 285 -10.52 9.52 17.32
CA GLN C 285 -9.53 8.97 16.40
C GLN C 285 -9.45 7.44 16.41
N ALA C 286 -9.51 6.84 17.60
CA ALA C 286 -9.46 5.38 17.73
C ALA C 286 -10.74 4.75 17.18
N THR C 287 -11.87 5.37 17.46
CA THR C 287 -13.16 4.89 16.95
C THR C 287 -13.14 4.85 15.45
N CYS C 288 -12.66 5.93 14.84
CA CYS C 288 -12.59 6.02 13.40
C CYS C 288 -11.60 5.00 12.83
N GLU C 289 -10.41 4.91 13.44
CA GLU C 289 -9.39 3.98 12.98
C GLU C 289 -9.90 2.55 12.88
N GLU C 290 -10.66 2.12 13.90
CA GLU C 290 -11.12 0.73 13.95
C GLU C 290 -12.31 0.53 13.04
N THR C 291 -13.14 1.57 12.91
CA THR C 291 -14.29 1.52 12.03
C THR C 291 -13.83 1.43 10.58
N MET C 292 -12.75 2.14 10.26
CA MET C 292 -12.17 2.08 8.92
C MET C 292 -11.83 0.66 8.48
N LEU C 293 -11.34 -0.15 9.41
CA LEU C 293 -10.96 -1.52 9.08
C LEU C 293 -12.17 -2.32 8.67
N ALA C 294 -13.31 -2.05 9.30
CA ALA C 294 -14.54 -2.75 8.99
C ALA C 294 -15.12 -2.27 7.67
N ILE C 295 -15.07 -0.96 7.44
CA ILE C 295 -15.55 -0.39 6.18
C ILE C 295 -14.71 -0.89 5.00
N LYS C 296 -13.40 -0.94 5.19
CA LYS C 296 -12.50 -1.37 4.12
C LYS C 296 -12.65 -2.83 3.83
N TYR C 297 -12.91 -3.62 4.87
CA TYR C 297 -13.12 -5.05 4.67
C TYR C 297 -14.34 -5.26 3.80
N VAL C 298 -15.42 -4.54 4.11
CA VAL C 298 -16.64 -4.66 3.33
C VAL C 298 -16.43 -4.15 1.92
N THR C 299 -15.73 -3.03 1.79
CA THR C 299 -15.44 -2.45 0.48
C THR C 299 -14.74 -3.45 -0.36
N ASN C 300 -13.72 -4.08 0.21
CA ASN C 300 -12.95 -5.08 -0.50
C ASN C 300 -13.76 -6.29 -0.90
N TYR C 301 -14.60 -6.77 0.01
CA TYR C 301 -15.46 -7.91 -0.27
C TYR C 301 -16.35 -7.58 -1.43
N VAL C 302 -16.94 -6.40 -1.40
CA VAL C 302 -17.84 -5.98 -2.45
C VAL C 302 -17.12 -5.89 -3.75
N LEU C 303 -15.92 -5.31 -3.72
CA LEU C 303 -15.12 -5.16 -4.92
C LEU C 303 -14.84 -6.52 -5.58
N GLY C 304 -14.80 -7.56 -4.75
CA GLY C 304 -14.48 -8.89 -5.25
C GLY C 304 -15.68 -9.68 -5.71
N HIS C 305 -16.87 -9.14 -5.49
CA HIS C 305 -18.10 -9.81 -5.91
C HIS C 305 -18.86 -8.99 -6.91
N LEU C 306 -18.13 -8.25 -7.74
CA LEU C 306 -18.71 -7.49 -8.84
C LEU C 306 -18.66 -8.30 -10.13
N VAL D 3 20.61 6.05 0.07
CA VAL D 3 21.61 5.36 -0.77
C VAL D 3 21.42 5.64 -2.24
N PHE D 6 18.72 5.28 -4.75
CA PHE D 6 17.34 4.95 -4.50
C PHE D 6 16.57 6.09 -3.90
N VAL E 3 10.36 -32.74 -17.22
CA VAL E 3 10.16 -34.16 -17.47
C VAL E 3 10.55 -35.03 -16.26
N PHE E 6 13.57 -35.72 -14.08
CA PHE E 6 14.84 -35.01 -14.09
C PHE E 6 14.74 -33.65 -13.47
N VAL F 3 -32.55 4.78 19.50
CA VAL F 3 -33.79 5.09 20.22
C VAL F 3 -33.66 4.93 21.72
N PHE F 6 -32.79 2.11 24.15
CA PHE F 6 -32.26 0.79 23.82
C PHE F 6 -30.81 0.85 23.40
#